data_1GXS
#
_entry.id   1GXS
#
_cell.length_a   150.700
_cell.length_b   103.700
_cell.length_c   90.600
_cell.angle_alpha   90.00
_cell.angle_beta   101.30
_cell.angle_gamma   90.00
#
_symmetry.space_group_name_H-M   'C 1 2 1'
#
loop_
_entity.id
_entity.type
_entity.pdbx_description
1 polymer 'P-(S)-HYDROXYMANDELONITRILE LYASE CHAIN A'
2 polymer 'P-(S)-HYDROXYMANDELONITRILE LYASE CHAIN B'
3 branched beta-L-fucopyranose-(1-3)-[2-acetamido-2-deoxy-beta-D-glucopyranose-(1-4)]2-acetamido-2-deoxy-beta-D-glucopyranose
4 non-polymer 'BENZOIC ACID'
5 non-polymer 'DECANOIC ACID'
6 non-polymer 2-acetamido-2-deoxy-beta-D-glucopyranose
7 water water
#
loop_
_entity_poly.entity_id
_entity_poly.type
_entity_poly.pdbx_seq_one_letter_code
_entity_poly.pdbx_strand_id
1 'polypeptide(L)'
;QLQQQEDDRILGLPGQPNGVAFGMYGGYVTIDDNNGRALYYWFQEADTADPAAAPLVLWLNGGPGCSSIGLGAMQELGAF
RVHTNGESLLLNEYAWNKAANILFAESPAGVGFSYSNTSSDLSMGDDKMAQDTYTFLVKWFERFPHYNYREFYIAGESGH
FIPQLSQVVYRNRNNSPFINFQGLLVSSGLTNDHEDMIGMFESWWHHGLISDETRDSGLKVCPGTSFMHPTPECTEVWNK
ALAEQGNINPYTIYTPTCDREPSPYQRRFW
;
A,C
2 'polypeptide(L)'
;LPPYDPCAVFNSINYLNLPEVQTALHANVSGIVEYPWTVCSNTIFDQWGQAADDLLPVYRELIQAGLRVWVYSGDTDSVV
PVSSTRRSLAALELPVKTSWYPWYMAPTEREVGGWSVQYEGLTYVTVRGAGHLVPVHRPAQAFLLFKQFLKGEPMPAE
;
B,D
#
# COMPACT_ATOMS: atom_id res chain seq x y z
N GLN A 4 -32.70 15.69 34.07
CA GLN A 4 -32.53 15.71 32.64
C GLN A 4 -31.17 16.31 32.29
N GLN A 5 -31.00 16.75 31.04
CA GLN A 5 -29.76 17.26 30.52
C GLN A 5 -28.88 18.11 31.41
N GLU A 6 -29.33 19.19 32.06
CA GLU A 6 -28.50 20.03 32.96
C GLU A 6 -27.57 19.31 33.91
N ASP A 7 -27.99 18.16 34.43
CA ASP A 7 -27.17 17.38 35.33
C ASP A 7 -26.05 16.71 34.56
N ASP A 8 -26.33 16.31 33.31
CA ASP A 8 -25.34 15.71 32.47
C ASP A 8 -24.43 16.71 31.80
N ARG A 9 -24.54 18.01 32.03
CA ARG A 9 -23.69 18.98 31.36
C ARG A 9 -22.24 18.85 31.84
N ILE A 10 -21.27 18.78 30.93
CA ILE A 10 -19.86 18.65 31.26
C ILE A 10 -19.29 20.06 31.19
N LEU A 11 -18.85 20.58 32.33
CA LEU A 11 -18.42 21.97 32.40
C LEU A 11 -16.99 22.15 32.00
N GLY A 12 -16.13 21.18 32.29
CA GLY A 12 -14.75 21.27 31.88
C GLY A 12 -14.11 19.91 32.08
N LEU A 13 -13.07 19.53 31.33
CA LEU A 13 -12.39 18.26 31.43
C LEU A 13 -10.95 18.53 31.80
N PRO A 14 -10.26 17.65 32.56
CA PRO A 14 -8.86 17.83 32.93
C PRO A 14 -8.01 17.80 31.66
N GLY A 15 -7.07 18.75 31.59
CA GLY A 15 -6.14 18.80 30.46
C GLY A 15 -6.73 19.39 29.18
N GLN A 16 -7.94 19.94 29.28
CA GLN A 16 -8.66 20.59 28.20
C GLN A 16 -7.86 21.81 27.73
N PRO A 17 -7.57 21.90 26.42
CA PRO A 17 -6.93 23.06 25.86
C PRO A 17 -7.86 24.30 25.93
N ASN A 18 -7.21 25.45 25.87
CA ASN A 18 -7.85 26.73 26.04
C ASN A 18 -9.03 27.25 25.23
N GLY A 19 -9.39 26.82 24.02
CA GLY A 19 -10.51 27.52 23.40
C GLY A 19 -11.69 26.64 23.00
N VAL A 20 -12.39 25.84 23.84
CA VAL A 20 -13.50 25.09 23.24
C VAL A 20 -14.77 25.92 23.49
N ALA A 21 -15.54 25.90 22.42
CA ALA A 21 -16.70 26.72 22.32
C ALA A 21 -17.96 25.95 22.12
N PHE A 22 -17.89 24.64 21.99
CA PHE A 22 -19.12 23.89 21.76
C PHE A 22 -19.55 23.29 23.10
N GLY A 23 -20.82 22.88 23.27
CA GLY A 23 -21.28 22.23 24.52
C GLY A 23 -21.02 20.70 24.49
N MET A 24 -20.94 20.14 25.69
CA MET A 24 -20.73 18.70 25.88
C MET A 24 -21.63 18.15 27.02
N TYR A 25 -22.14 16.92 26.85
CA TYR A 25 -22.98 16.25 27.83
C TYR A 25 -22.53 14.81 28.01
N GLY A 26 -22.59 14.22 29.22
CA GLY A 26 -22.29 12.81 29.39
C GLY A 26 -23.00 12.20 30.61
N GLY A 27 -23.43 10.95 30.53
CA GLY A 27 -24.04 10.31 31.68
C GLY A 27 -24.59 8.96 31.32
N TYR A 28 -25.50 8.44 32.14
CA TYR A 28 -26.05 7.11 31.91
C TYR A 28 -27.51 7.09 31.56
N VAL A 29 -28.00 6.20 30.74
CA VAL A 29 -29.41 6.07 30.44
C VAL A 29 -29.74 4.61 30.79
N THR A 30 -30.66 4.34 31.72
CA THR A 30 -31.05 3.00 32.08
C THR A 30 -31.97 2.48 31.04
N ILE A 31 -31.61 1.34 30.51
CA ILE A 31 -32.43 0.74 29.48
C ILE A 31 -33.13 -0.47 30.08
N ASP A 32 -32.82 -0.97 31.29
CA ASP A 32 -33.62 -2.02 31.92
C ASP A 32 -33.56 -1.80 33.41
N ASP A 33 -34.70 -1.44 33.99
CA ASP A 33 -34.81 -1.27 35.43
C ASP A 33 -34.71 -2.50 36.29
N ASN A 34 -35.31 -3.62 35.85
CA ASN A 34 -35.24 -4.87 36.59
C ASN A 34 -33.83 -5.44 36.66
N ASN A 35 -33.12 -5.56 35.53
CA ASN A 35 -31.76 -6.09 35.59
C ASN A 35 -30.68 -5.16 36.06
N GLY A 36 -30.98 -3.86 36.07
CA GLY A 36 -29.99 -2.85 36.40
C GLY A 36 -29.01 -2.64 35.25
N ARG A 37 -29.50 -2.55 34.01
CA ARG A 37 -28.64 -2.38 32.86
C ARG A 37 -28.66 -0.92 32.33
N ALA A 38 -27.49 -0.24 32.22
CA ALA A 38 -27.37 1.17 31.85
C ALA A 38 -26.25 1.42 30.85
N LEU A 39 -26.47 2.26 29.79
CA LEU A 39 -25.44 2.60 28.79
C LEU A 39 -24.88 4.00 28.99
N TYR A 40 -23.58 4.20 28.86
CA TYR A 40 -22.94 5.49 29.00
C TYR A 40 -22.81 6.20 27.61
N TYR A 41 -23.04 7.54 27.54
CA TYR A 41 -22.89 8.29 26.31
C TYR A 41 -22.09 9.58 26.55
N TRP A 42 -21.38 10.06 25.50
CA TRP A 42 -20.73 11.37 25.46
C TRP A 42 -21.18 12.07 24.15
N PHE A 43 -21.75 13.26 24.32
CA PHE A 43 -22.29 14.13 23.27
C PHE A 43 -21.45 15.40 23.01
N GLN A 44 -20.97 15.60 21.77
CA GLN A 44 -20.23 16.81 21.34
C GLN A 44 -21.09 17.54 20.32
N GLU A 45 -21.60 18.69 20.78
CA GLU A 45 -22.38 19.61 19.92
C GLU A 45 -21.54 20.22 18.79
N ALA A 46 -22.22 20.62 17.72
CA ALA A 46 -21.62 21.19 16.52
C ALA A 46 -20.84 22.50 16.82
N ASP A 47 -19.63 22.66 16.31
CA ASP A 47 -18.76 23.80 16.56
C ASP A 47 -18.91 24.59 15.28
N THR A 48 -20.06 25.23 15.20
CA THR A 48 -20.49 25.92 14.00
C THR A 48 -21.15 27.20 14.48
N ALA A 49 -21.55 28.09 13.59
CA ALA A 49 -22.23 29.34 14.01
C ALA A 49 -23.64 29.10 14.56
N ASP A 50 -24.42 28.29 13.84
CA ASP A 50 -25.75 27.96 14.30
C ASP A 50 -25.81 26.42 14.44
N PRO A 51 -25.49 25.94 15.64
CA PRO A 51 -25.63 24.54 16.04
C PRO A 51 -27.03 23.97 15.79
N ALA A 52 -28.05 24.81 15.93
CA ALA A 52 -29.43 24.41 15.68
C ALA A 52 -29.70 24.08 14.24
N ALA A 53 -28.86 24.55 13.31
CA ALA A 53 -29.02 24.17 11.91
C ALA A 53 -28.42 22.81 11.56
N ALA A 54 -27.37 22.39 12.29
CA ALA A 54 -26.63 21.18 12.00
C ALA A 54 -27.42 19.89 12.27
N PRO A 55 -27.26 18.80 11.52
CA PRO A 55 -27.94 17.54 11.81
C PRO A 55 -27.40 16.85 13.06
N LEU A 56 -28.03 15.73 13.42
CA LEU A 56 -27.62 14.91 14.57
C LEU A 56 -27.05 13.58 14.05
N VAL A 57 -25.87 13.15 14.53
CA VAL A 57 -25.29 11.89 14.06
C VAL A 57 -24.87 11.00 15.25
N LEU A 58 -25.36 9.77 15.26
CA LEU A 58 -24.97 8.77 16.24
C LEU A 58 -23.76 8.00 15.72
N TRP A 59 -22.62 8.00 16.41
CA TRP A 59 -21.49 7.17 16.01
C TRP A 59 -21.30 5.92 16.93
N LEU A 60 -21.13 4.75 16.29
CA LEU A 60 -20.87 3.49 16.98
C LEU A 60 -19.64 2.77 16.44
N ASN A 61 -18.75 2.28 17.31
CA ASN A 61 -17.68 1.37 16.88
C ASN A 61 -18.19 -0.06 17.05
N GLY A 62 -17.49 -1.07 16.58
CA GLY A 62 -18.01 -2.45 16.61
C GLY A 62 -17.00 -3.41 17.22
N GLY A 63 -16.77 -4.57 16.61
CA GLY A 63 -15.84 -5.54 17.16
C GLY A 63 -16.36 -6.98 17.05
N PRO A 64 -17.49 -7.44 17.62
CA PRO A 64 -18.24 -6.77 18.70
C PRO A 64 -17.47 -6.55 19.98
N GLY A 65 -17.76 -5.53 20.77
CA GLY A 65 -17.09 -5.41 22.05
C GLY A 65 -16.22 -4.20 22.20
N CYS A 66 -15.89 -3.37 21.19
CA CYS A 66 -15.07 -2.18 21.42
C CYS A 66 -15.80 -0.87 21.72
N SER A 67 -15.10 0.07 22.32
CA SER A 67 -15.64 1.35 22.68
C SER A 67 -15.73 2.48 21.62
N SER A 68 -16.95 3.01 21.41
CA SER A 68 -17.22 4.23 20.62
C SER A 68 -16.50 5.49 21.12
N ILE A 69 -16.27 5.57 22.43
CA ILE A 69 -15.56 6.65 23.07
C ILE A 69 -14.04 6.45 22.97
N GLY A 70 -13.56 5.22 23.13
CA GLY A 70 -12.12 4.99 23.18
C GLY A 70 -11.48 5.00 21.80
N LEU A 71 -12.20 4.49 20.78
CA LEU A 71 -11.82 4.52 19.38
C LEU A 71 -12.41 5.78 18.72
N GLY A 72 -13.73 5.80 18.40
CA GLY A 72 -14.45 6.90 17.77
C GLY A 72 -14.13 8.28 18.34
N ALA A 73 -14.40 8.59 19.60
CA ALA A 73 -14.14 9.91 20.10
C ALA A 73 -12.68 10.25 20.33
N MET A 74 -11.89 9.45 21.06
CA MET A 74 -10.51 9.82 21.37
C MET A 74 -9.44 9.48 20.33
N GLN A 75 -9.62 8.55 19.39
CA GLN A 75 -8.59 8.29 18.41
C GLN A 75 -8.90 8.68 16.95
N GLU A 76 -10.16 8.70 16.56
CA GLU A 76 -10.58 8.96 15.21
C GLU A 76 -11.16 10.35 14.86
N LEU A 77 -12.42 10.63 15.23
CA LEU A 77 -13.19 11.74 14.70
C LEU A 77 -13.70 12.70 15.72
N GLY A 78 -13.35 12.57 17.01
CA GLY A 78 -13.99 13.40 18.01
C GLY A 78 -13.18 14.66 18.09
N ALA A 79 -13.67 15.63 18.85
CA ALA A 79 -13.03 16.93 19.01
C ALA A 79 -11.67 16.91 19.64
N PHE A 80 -11.32 15.93 20.45
CA PHE A 80 -10.04 15.93 21.15
C PHE A 80 -9.23 14.69 20.81
N ARG A 81 -7.94 14.77 21.00
CA ARG A 81 -7.09 13.60 20.92
C ARG A 81 -6.28 13.71 22.22
N VAL A 82 -5.72 12.60 22.71
CA VAL A 82 -4.97 12.61 23.98
C VAL A 82 -3.49 12.64 23.66
N HIS A 83 -2.83 13.52 24.37
CA HIS A 83 -1.43 13.71 24.22
C HIS A 83 -0.68 12.50 24.73
N THR A 84 0.55 12.37 24.25
CA THR A 84 1.48 11.35 24.68
C THR A 84 1.77 11.32 26.18
N ASN A 85 1.44 12.35 26.98
CA ASN A 85 1.64 12.26 28.42
C ASN A 85 0.43 11.60 29.06
N GLY A 86 -0.66 11.29 28.36
CA GLY A 86 -1.81 10.61 28.95
C GLY A 86 -2.62 11.45 29.93
N GLU A 87 -2.35 12.75 29.99
CA GLU A 87 -3.02 13.63 30.91
C GLU A 87 -3.59 14.87 30.24
N SER A 88 -3.06 15.27 29.07
CA SER A 88 -3.52 16.44 28.34
C SER A 88 -4.28 16.13 27.04
N LEU A 89 -5.24 16.99 26.70
CA LEU A 89 -6.02 16.91 25.47
C LEU A 89 -5.55 17.96 24.46
N LEU A 90 -5.73 17.72 23.16
CA LEU A 90 -5.44 18.70 22.14
C LEU A 90 -6.59 18.66 21.17
N LEU A 91 -6.92 19.75 20.47
CA LEU A 91 -8.06 19.84 19.55
C LEU A 91 -7.77 19.22 18.20
N ASN A 92 -8.74 18.51 17.65
CA ASN A 92 -8.55 17.88 16.37
C ASN A 92 -9.23 18.77 15.33
N GLU A 93 -8.42 19.41 14.47
CA GLU A 93 -8.93 20.28 13.42
C GLU A 93 -9.79 19.59 12.37
N TYR A 94 -9.81 18.28 12.26
CA TYR A 94 -10.70 17.63 11.33
C TYR A 94 -11.79 16.95 12.09
N ALA A 95 -12.11 17.42 13.31
CA ALA A 95 -13.18 16.83 14.10
C ALA A 95 -14.50 16.89 13.36
N TRP A 96 -15.27 15.80 13.37
CA TRP A 96 -16.52 15.76 12.67
C TRP A 96 -17.56 16.65 13.34
N ASN A 97 -17.42 17.19 14.57
CA ASN A 97 -18.48 18.07 15.09
C ASN A 97 -18.41 19.51 14.51
N LYS A 98 -17.47 19.73 13.56
CA LYS A 98 -17.37 20.93 12.72
C LYS A 98 -18.48 20.94 11.68
N ALA A 99 -19.04 19.78 11.31
CA ALA A 99 -20.18 19.69 10.43
C ALA A 99 -21.41 19.11 11.16
N ALA A 100 -21.45 18.60 12.41
CA ALA A 100 -22.69 18.04 12.97
C ALA A 100 -22.61 17.94 14.49
N ASN A 101 -23.76 17.68 15.13
CA ASN A 101 -23.83 17.35 16.56
C ASN A 101 -23.54 15.82 16.62
N ILE A 102 -22.50 15.35 17.30
CA ILE A 102 -22.10 13.91 17.35
C ILE A 102 -22.36 13.27 18.74
N LEU A 103 -23.12 12.17 18.72
CA LEU A 103 -23.43 11.39 19.90
C LEU A 103 -22.63 10.08 19.92
N PHE A 104 -21.72 9.89 20.86
CA PHE A 104 -21.02 8.59 21.06
C PHE A 104 -21.63 7.74 22.19
N ALA A 105 -22.13 6.52 21.95
CA ALA A 105 -22.60 5.64 22.99
C ALA A 105 -21.71 4.38 23.09
N GLU A 106 -21.30 3.87 24.28
CA GLU A 106 -20.60 2.58 24.44
C GLU A 106 -21.67 1.49 24.51
N SER A 107 -21.75 0.55 23.60
CA SER A 107 -22.84 -0.39 23.61
C SER A 107 -22.26 -1.69 23.04
N PRO A 108 -22.61 -2.93 23.46
CA PRO A 108 -23.57 -3.19 24.55
C PRO A 108 -23.09 -2.95 26.00
N ALA A 109 -23.95 -3.13 27.02
CA ALA A 109 -23.49 -3.07 28.43
C ALA A 109 -22.32 -4.06 28.66
N GLY A 110 -21.28 -3.63 29.36
CA GLY A 110 -20.12 -4.47 29.55
C GLY A 110 -18.98 -3.91 28.70
N VAL A 111 -19.25 -2.91 27.83
CA VAL A 111 -18.21 -2.24 27.07
C VAL A 111 -17.88 -0.94 27.79
N GLY A 112 -16.61 -0.73 28.08
CA GLY A 112 -16.13 0.49 28.68
C GLY A 112 -16.76 0.88 30.02
N PHE A 113 -17.61 1.93 30.04
CA PHE A 113 -18.30 2.45 31.23
C PHE A 113 -19.75 1.94 31.31
N SER A 114 -20.31 1.35 30.27
CA SER A 114 -21.64 0.82 30.30
C SER A 114 -21.64 -0.49 31.09
N TYR A 115 -22.69 -0.77 31.86
CA TYR A 115 -22.66 -1.93 32.72
C TYR A 115 -24.04 -2.55 32.96
N SER A 116 -24.06 -3.78 33.47
CA SER A 116 -25.30 -4.42 33.97
C SER A 116 -25.04 -4.98 35.37
N ASN A 117 -26.04 -4.80 36.22
CA ASN A 117 -26.05 -5.49 37.51
C ASN A 117 -26.45 -6.98 37.37
N THR A 118 -27.01 -7.50 36.27
CA THR A 118 -27.20 -8.92 36.08
C THR A 118 -26.13 -9.44 35.09
N SER A 119 -25.13 -10.23 35.50
CA SER A 119 -24.09 -10.69 34.58
C SER A 119 -24.54 -11.58 33.44
N SER A 120 -25.73 -12.20 33.44
CA SER A 120 -26.14 -13.01 32.30
C SER A 120 -26.37 -12.10 31.10
N ASP A 121 -26.55 -10.81 31.40
CA ASP A 121 -26.73 -9.79 30.39
C ASP A 121 -25.49 -9.68 29.50
N LEU A 122 -24.30 -10.08 29.94
CA LEU A 122 -23.15 -9.94 29.09
C LEU A 122 -23.03 -11.01 28.03
N SER A 123 -24.02 -11.91 27.90
CA SER A 123 -24.01 -12.82 26.75
C SER A 123 -24.99 -12.24 25.70
N MET A 124 -24.47 -11.65 24.61
CA MET A 124 -25.25 -10.90 23.64
C MET A 124 -25.36 -11.57 22.30
N GLY A 125 -26.16 -10.97 21.44
CA GLY A 125 -26.41 -11.42 20.08
C GLY A 125 -26.92 -10.22 19.27
N ASP A 126 -26.94 -10.35 17.93
CA ASP A 126 -27.27 -9.27 17.02
C ASP A 126 -28.63 -8.60 17.19
N ASP A 127 -29.71 -9.38 17.32
CA ASP A 127 -31.03 -8.82 17.46
C ASP A 127 -31.20 -8.13 18.79
N LYS A 128 -30.61 -8.68 19.86
CA LYS A 128 -30.70 -8.10 21.18
C LYS A 128 -29.89 -6.81 21.25
N MET A 129 -28.72 -6.74 20.58
CA MET A 129 -27.95 -5.50 20.49
C MET A 129 -28.75 -4.33 19.84
N ALA A 130 -29.49 -4.61 18.77
CA ALA A 130 -30.27 -3.62 18.04
C ALA A 130 -31.45 -3.16 18.87
N GLN A 131 -32.20 -4.08 19.51
CA GLN A 131 -33.27 -3.67 20.44
C GLN A 131 -32.76 -2.83 21.62
N ASP A 132 -31.70 -3.28 22.30
CA ASP A 132 -31.14 -2.46 23.39
C ASP A 132 -30.63 -1.08 22.95
N THR A 133 -30.03 -0.93 21.75
CA THR A 133 -29.54 0.41 21.41
C THR A 133 -30.69 1.28 20.88
N TYR A 134 -31.75 0.68 20.29
CA TYR A 134 -32.92 1.44 19.93
C TYR A 134 -33.55 2.03 21.20
N THR A 135 -33.68 1.22 22.25
CA THR A 135 -34.20 1.67 23.54
C THR A 135 -33.32 2.74 24.11
N PHE A 136 -32.01 2.70 23.97
CA PHE A 136 -31.22 3.82 24.47
C PHE A 136 -31.62 5.12 23.74
N LEU A 137 -31.82 5.01 22.43
CA LEU A 137 -32.10 6.16 21.58
C LEU A 137 -33.41 6.84 21.93
N VAL A 138 -34.52 6.10 22.04
CA VAL A 138 -35.79 6.74 22.40
C VAL A 138 -35.73 7.37 23.79
N LYS A 139 -34.99 6.77 24.75
CA LYS A 139 -34.81 7.35 26.07
C LYS A 139 -33.89 8.57 26.02
N TRP A 140 -32.85 8.66 25.16
CA TRP A 140 -31.99 9.84 25.09
C TRP A 140 -32.80 11.04 24.54
N PHE A 141 -33.63 10.80 23.50
CA PHE A 141 -34.50 11.81 22.92
C PHE A 141 -35.43 12.39 23.94
N GLU A 142 -36.01 11.57 24.85
CA GLU A 142 -36.79 12.13 25.95
C GLU A 142 -35.96 13.00 26.87
N ARG A 143 -34.68 12.75 27.10
CA ARG A 143 -33.89 13.61 27.97
C ARG A 143 -33.43 14.90 27.26
N PHE A 144 -33.35 14.83 25.91
CA PHE A 144 -32.88 15.91 25.02
C PHE A 144 -33.96 16.23 23.98
N PRO A 145 -35.12 16.78 24.37
CA PRO A 145 -36.28 16.97 23.48
C PRO A 145 -36.05 17.99 22.35
N HIS A 146 -35.10 18.94 22.51
CA HIS A 146 -34.68 19.88 21.46
C HIS A 146 -33.98 19.25 20.27
N TYR A 147 -33.84 17.92 20.23
CA TYR A 147 -33.32 17.25 19.05
C TYR A 147 -34.43 16.44 18.44
N ASN A 148 -35.69 16.47 18.94
CA ASN A 148 -36.76 15.69 18.34
C ASN A 148 -37.03 16.32 16.99
N TYR A 149 -37.32 15.52 15.96
CA TYR A 149 -37.53 15.89 14.55
C TYR A 149 -36.33 16.45 13.79
N ARG A 150 -35.19 16.64 14.45
CA ARG A 150 -33.96 17.07 13.78
C ARG A 150 -33.51 16.01 12.78
N GLU A 151 -32.91 16.37 11.65
CA GLU A 151 -32.36 15.44 10.65
C GLU A 151 -31.35 14.49 11.32
N PHE A 152 -31.54 13.17 11.19
CA PHE A 152 -30.74 12.19 11.92
C PHE A 152 -30.11 11.12 11.05
N TYR A 153 -28.84 10.87 11.32
CA TYR A 153 -28.06 9.84 10.63
C TYR A 153 -27.40 8.85 11.63
N ILE A 154 -27.21 7.59 11.22
CA ILE A 154 -26.47 6.60 12.00
C ILE A 154 -25.19 6.29 11.22
N ALA A 155 -24.05 6.36 11.89
CA ALA A 155 -22.78 6.10 11.27
C ALA A 155 -21.84 5.18 12.07
N GLY A 156 -21.02 4.32 11.48
CA GLY A 156 -20.00 3.72 12.31
C GLY A 156 -19.27 2.57 11.67
N GLU A 157 -18.38 1.98 12.46
CA GLU A 157 -17.49 0.93 12.03
C GLU A 157 -17.94 -0.51 12.35
N SER A 158 -19.07 -1.00 11.88
CA SER A 158 -19.54 -2.33 12.15
C SER A 158 -20.50 -2.63 11.01
N GLY A 159 -20.24 -3.69 10.27
CA GLY A 159 -21.14 -4.06 9.20
C GLY A 159 -22.42 -4.68 9.74
N HIS A 160 -22.46 -5.07 11.03
CA HIS A 160 -23.71 -5.60 11.57
C HIS A 160 -24.50 -4.53 12.33
N PHE A 161 -23.90 -3.80 13.27
CA PHE A 161 -24.68 -2.92 14.11
C PHE A 161 -25.37 -1.76 13.38
N ILE A 162 -24.76 -1.17 12.33
CA ILE A 162 -25.30 0.03 11.68
C ILE A 162 -26.48 -0.34 10.78
N PRO A 163 -26.48 -1.30 9.82
CA PRO A 163 -27.69 -1.72 9.11
C PRO A 163 -28.79 -2.32 9.99
N GLN A 164 -28.43 -3.00 11.12
CA GLN A 164 -29.47 -3.61 11.97
C GLN A 164 -30.18 -2.60 12.87
N LEU A 165 -29.47 -1.64 13.46
CA LEU A 165 -30.12 -0.59 14.18
C LEU A 165 -31.00 0.25 13.24
N SER A 166 -30.53 0.58 12.02
CA SER A 166 -31.27 1.34 11.00
C SER A 166 -32.59 0.67 10.64
N GLN A 167 -32.58 -0.66 10.43
CA GLN A 167 -33.80 -1.44 10.20
C GLN A 167 -34.79 -1.38 11.36
N VAL A 168 -34.35 -1.44 12.61
CA VAL A 168 -35.23 -1.33 13.79
C VAL A 168 -35.80 0.08 13.93
N VAL A 169 -35.04 1.18 13.76
CA VAL A 169 -35.55 2.55 13.82
C VAL A 169 -36.64 2.72 12.77
N TYR A 170 -36.36 2.30 11.53
CA TYR A 170 -37.27 2.40 10.42
C TYR A 170 -38.55 1.60 10.65
N ARG A 171 -38.48 0.33 11.00
CA ARG A 171 -39.68 -0.43 11.32
C ARG A 171 -40.52 0.17 12.44
N ASN A 172 -39.91 0.85 13.41
CA ASN A 172 -40.62 1.48 14.52
C ASN A 172 -40.98 2.93 14.26
N ARG A 173 -40.88 3.49 13.06
CA ARG A 173 -41.15 4.91 12.82
C ARG A 173 -42.52 5.39 13.30
N ASN A 174 -43.61 4.63 13.26
CA ASN A 174 -44.89 5.09 13.79
C ASN A 174 -44.95 5.13 15.31
N ASN A 175 -44.01 4.44 15.98
CA ASN A 175 -43.93 4.37 17.42
C ASN A 175 -43.02 5.47 17.90
N SER A 176 -42.05 5.90 17.09
CA SER A 176 -41.25 7.05 17.47
C SER A 176 -41.07 7.96 16.26
N PRO A 177 -42.12 8.74 15.96
CA PRO A 177 -42.20 9.62 14.80
C PRO A 177 -41.17 10.76 14.84
N PHE A 178 -40.78 11.18 16.06
CA PHE A 178 -39.82 12.25 16.30
C PHE A 178 -38.40 11.88 15.94
N ILE A 179 -38.07 10.65 15.52
CA ILE A 179 -36.69 10.36 15.10
C ILE A 179 -36.73 10.57 13.58
N ASN A 180 -36.20 11.67 13.09
CA ASN A 180 -36.27 12.03 11.66
C ASN A 180 -35.08 11.46 10.88
N PHE A 181 -35.23 10.14 10.67
CA PHE A 181 -34.16 9.31 10.18
C PHE A 181 -33.93 9.45 8.68
N GLN A 182 -32.72 9.86 8.32
CA GLN A 182 -32.34 10.22 6.96
C GLN A 182 -31.43 9.23 6.24
N GLY A 183 -30.47 8.53 6.90
CA GLY A 183 -29.63 7.55 6.23
C GLY A 183 -28.50 7.07 7.14
N LEU A 184 -27.68 6.19 6.58
CA LEU A 184 -26.65 5.49 7.34
C LEU A 184 -25.32 5.47 6.59
N LEU A 185 -24.23 5.55 7.37
CA LEU A 185 -22.88 5.58 6.85
C LEU A 185 -22.10 4.40 7.43
N VAL A 186 -21.81 3.35 6.67
CA VAL A 186 -21.14 2.13 7.12
C VAL A 186 -19.65 2.08 6.75
N SER A 187 -18.73 1.97 7.69
CA SER A 187 -17.30 1.87 7.41
C SER A 187 -16.72 0.50 7.70
N SER A 188 -15.84 -0.02 6.84
CA SER A 188 -15.03 -1.22 7.13
C SER A 188 -15.80 -2.46 7.64
N GLY A 189 -16.91 -2.90 7.05
CA GLY A 189 -17.71 -3.90 7.70
C GLY A 189 -17.96 -5.17 6.94
N LEU A 190 -18.21 -6.20 7.75
CA LEU A 190 -18.55 -7.53 7.25
C LEU A 190 -19.98 -7.46 6.76
N THR A 191 -20.27 -8.04 5.61
CA THR A 191 -21.57 -7.95 4.97
C THR A 191 -22.22 -9.30 4.61
N ASN A 192 -21.46 -10.29 4.22
CA ASN A 192 -22.01 -11.57 3.83
C ASN A 192 -20.86 -12.57 4.05
N ASP A 193 -21.02 -13.61 4.86
CA ASP A 193 -19.91 -14.51 5.18
C ASP A 193 -19.29 -15.21 3.99
N HIS A 194 -20.06 -15.72 3.03
CA HIS A 194 -19.47 -16.42 1.90
C HIS A 194 -18.55 -15.55 1.02
N GLU A 195 -19.05 -14.39 0.56
CA GLU A 195 -18.36 -13.42 -0.27
C GLU A 195 -17.23 -12.78 0.44
N ASP A 196 -17.39 -12.39 1.70
CA ASP A 196 -16.25 -11.77 2.38
C ASP A 196 -15.07 -12.73 2.64
N MET A 197 -15.30 -14.04 2.85
CA MET A 197 -14.26 -15.06 3.06
C MET A 197 -13.45 -15.27 1.74
N ILE A 198 -14.11 -15.43 0.57
CA ILE A 198 -13.41 -15.49 -0.72
C ILE A 198 -12.53 -14.25 -0.99
N GLY A 199 -13.05 -13.05 -0.83
CA GLY A 199 -12.27 -11.85 -0.99
C GLY A 199 -11.11 -11.75 -0.01
N MET A 200 -11.17 -12.28 1.23
CA MET A 200 -10.01 -12.21 2.12
C MET A 200 -8.89 -13.08 1.60
N PHE A 201 -9.13 -14.34 1.25
CA PHE A 201 -8.06 -15.18 0.77
C PHE A 201 -7.46 -14.65 -0.53
N GLU A 202 -8.30 -14.09 -1.42
CA GLU A 202 -7.83 -13.46 -2.65
C GLU A 202 -6.99 -12.21 -2.48
N SER A 203 -7.49 -11.23 -1.74
CA SER A 203 -6.73 -10.03 -1.48
C SER A 203 -5.41 -10.30 -0.79
N TRP A 204 -5.34 -11.26 0.16
CA TRP A 204 -4.10 -11.48 0.90
C TRP A 204 -3.06 -12.03 -0.08
N TRP A 205 -3.48 -12.91 -0.98
CA TRP A 205 -2.55 -13.44 -1.98
C TRP A 205 -2.07 -12.34 -2.96
N HIS A 206 -2.99 -11.47 -3.48
CA HIS A 206 -2.62 -10.41 -4.42
C HIS A 206 -1.90 -9.29 -3.76
N HIS A 207 -1.80 -9.26 -2.43
CA HIS A 207 -0.91 -8.34 -1.77
C HIS A 207 0.39 -9.03 -1.32
N GLY A 208 0.64 -10.32 -1.64
CA GLY A 208 1.89 -10.99 -1.29
C GLY A 208 1.97 -11.38 0.19
N LEU A 209 0.84 -11.58 0.91
CA LEU A 209 0.81 -11.88 2.35
C LEU A 209 0.70 -13.39 2.63
N ILE A 210 0.13 -14.20 1.74
CA ILE A 210 0.07 -15.63 1.94
C ILE A 210 0.63 -16.43 0.76
N SER A 211 0.78 -17.75 0.90
CA SER A 211 1.33 -18.68 -0.08
C SER A 211 0.24 -19.12 -1.02
N ASP A 212 0.64 -19.71 -2.14
CA ASP A 212 -0.32 -20.28 -3.07
C ASP A 212 -1.14 -21.39 -2.44
N GLU A 213 -0.52 -22.23 -1.62
CA GLU A 213 -1.26 -23.34 -1.04
C GLU A 213 -2.13 -22.95 0.16
N THR A 214 -1.81 -21.99 1.04
CA THR A 214 -2.75 -21.49 2.01
C THR A 214 -3.97 -20.94 1.22
N ARG A 215 -3.79 -20.09 0.20
CA ARG A 215 -4.88 -19.57 -0.62
C ARG A 215 -5.77 -20.70 -1.19
N ASP A 216 -5.20 -21.74 -1.80
CA ASP A 216 -6.00 -22.82 -2.37
C ASP A 216 -6.82 -23.63 -1.35
N SER A 217 -6.24 -23.92 -0.19
CA SER A 217 -6.95 -24.64 0.85
C SER A 217 -8.02 -23.81 1.50
N GLY A 218 -7.68 -22.55 1.77
CA GLY A 218 -8.60 -21.59 2.36
C GLY A 218 -9.85 -21.44 1.52
N LEU A 219 -9.70 -21.32 0.21
CA LEU A 219 -10.87 -21.17 -0.66
C LEU A 219 -11.68 -22.44 -0.78
N LYS A 220 -11.07 -23.61 -0.53
CA LYS A 220 -11.81 -24.86 -0.56
C LYS A 220 -12.55 -25.20 0.75
N VAL A 221 -11.94 -25.00 1.93
CA VAL A 221 -12.60 -25.35 3.19
C VAL A 221 -13.24 -24.18 3.92
N CYS A 222 -12.76 -22.93 3.91
CA CYS A 222 -13.42 -21.86 4.65
C CYS A 222 -14.69 -21.17 4.13
N PRO A 223 -15.03 -20.92 2.86
CA PRO A 223 -16.21 -20.17 2.43
C PRO A 223 -17.43 -20.86 2.98
N GLY A 224 -18.36 -20.17 3.64
CA GLY A 224 -19.47 -20.89 4.25
C GLY A 224 -19.34 -20.88 5.77
N THR A 225 -18.14 -20.90 6.35
CA THR A 225 -17.93 -20.78 7.79
C THR A 225 -18.37 -19.41 8.33
N SER A 226 -18.68 -19.39 9.61
CA SER A 226 -19.03 -18.20 10.32
C SER A 226 -17.73 -17.61 10.81
N PHE A 227 -17.62 -16.29 10.93
CA PHE A 227 -16.44 -15.67 11.51
C PHE A 227 -16.52 -15.75 13.02
N MET A 228 -17.72 -15.72 13.62
CA MET A 228 -17.85 -15.82 15.07
C MET A 228 -17.95 -17.25 15.63
N HIS A 229 -18.20 -18.29 14.82
CA HIS A 229 -18.36 -19.68 15.25
C HIS A 229 -17.71 -20.57 14.20
N PRO A 230 -16.39 -20.52 14.09
CA PRO A 230 -15.66 -21.21 13.01
C PRO A 230 -15.50 -22.73 13.18
N THR A 231 -15.44 -23.50 12.08
CA THR A 231 -15.22 -24.92 12.17
C THR A 231 -13.75 -25.19 12.47
N PRO A 232 -13.33 -26.35 13.02
CA PRO A 232 -11.91 -26.64 13.20
C PRO A 232 -11.15 -26.88 11.89
N GLU A 233 -11.81 -27.32 10.81
CA GLU A 233 -11.18 -27.53 9.50
C GLU A 233 -10.65 -26.19 8.96
N CYS A 234 -11.52 -25.19 8.86
CA CYS A 234 -11.10 -23.85 8.45
C CYS A 234 -10.17 -23.25 9.50
N THR A 235 -10.32 -23.33 10.85
CA THR A 235 -9.34 -22.73 11.76
C THR A 235 -7.90 -23.17 11.51
N GLU A 236 -7.74 -24.36 10.96
CA GLU A 236 -6.40 -24.85 10.70
C GLU A 236 -5.69 -24.08 9.57
N VAL A 237 -6.38 -23.80 8.43
CA VAL A 237 -5.88 -22.96 7.32
C VAL A 237 -5.77 -21.50 7.77
N TRP A 238 -6.83 -20.96 8.37
CA TRP A 238 -6.86 -19.59 8.90
C TRP A 238 -5.62 -19.30 9.74
N ASN A 239 -5.22 -20.29 10.53
CA ASN A 239 -4.08 -20.13 11.42
C ASN A 239 -2.76 -20.17 10.67
N LYS A 240 -2.64 -20.96 9.59
CA LYS A 240 -1.44 -20.95 8.73
C LYS A 240 -1.34 -19.57 8.04
N ALA A 241 -2.47 -19.04 7.53
CA ALA A 241 -2.57 -17.75 6.86
C ALA A 241 -2.02 -16.66 7.70
N LEU A 242 -2.43 -16.63 8.95
CA LEU A 242 -1.99 -15.57 9.84
C LEU A 242 -0.55 -15.74 10.27
N ALA A 243 -0.05 -16.96 10.32
CA ALA A 243 1.36 -17.14 10.67
C ALA A 243 2.23 -16.67 9.51
N GLU A 244 1.84 -16.96 8.23
CA GLU A 244 2.56 -16.50 7.03
C GLU A 244 2.64 -14.97 6.96
N GLN A 245 1.64 -14.25 7.46
CA GLN A 245 1.63 -12.81 7.47
C GLN A 245 2.62 -12.18 8.43
N GLY A 246 3.16 -12.87 9.41
CA GLY A 246 4.20 -12.26 10.23
C GLY A 246 3.71 -11.16 11.13
N ASN A 247 4.66 -10.33 11.51
CA ASN A 247 4.43 -9.30 12.50
C ASN A 247 3.94 -7.96 11.95
N ILE A 248 3.00 -7.94 11.00
CA ILE A 248 2.50 -6.67 10.42
C ILE A 248 1.27 -6.31 11.26
N ASN A 249 0.82 -5.08 11.22
CA ASN A 249 -0.42 -4.72 11.88
C ASN A 249 -1.50 -5.02 10.85
N PRO A 250 -2.44 -5.96 10.99
CA PRO A 250 -3.34 -6.34 9.91
C PRO A 250 -4.36 -5.26 9.54
N TYR A 251 -4.48 -4.27 10.40
CA TYR A 251 -5.44 -3.21 10.16
C TYR A 251 -4.85 -2.09 9.29
N THR A 252 -3.55 -2.05 9.05
CA THR A 252 -2.87 -1.02 8.28
C THR A 252 -1.50 -1.63 7.93
N ILE A 253 -1.48 -2.33 6.78
CA ILE A 253 -0.33 -3.19 6.55
C ILE A 253 1.00 -2.57 6.18
N TYR A 254 1.13 -1.24 5.99
CA TYR A 254 2.43 -0.69 5.62
C TYR A 254 3.01 0.15 6.70
N THR A 255 2.27 0.43 7.78
CA THR A 255 2.75 1.26 8.88
C THR A 255 3.59 0.48 9.89
N PRO A 256 4.48 1.18 10.59
CA PRO A 256 5.15 0.65 11.79
C PRO A 256 4.22 0.18 12.90
N THR A 257 4.72 -0.88 13.51
CA THR A 257 4.12 -1.63 14.62
C THR A 257 4.47 -1.02 16.02
N CYS A 258 3.54 -1.12 17.00
CA CYS A 258 3.78 -0.68 18.38
C CYS A 258 4.67 -1.65 19.17
N ASP A 259 5.70 -1.08 19.77
CA ASP A 259 6.64 -1.84 20.58
C ASP A 259 6.23 -2.24 22.00
N ARG A 260 5.25 -1.62 22.69
CA ARG A 260 4.86 -2.00 24.06
C ARG A 260 4.08 -3.32 24.04
N GLU A 261 4.81 -4.40 24.27
CA GLU A 261 4.30 -5.76 24.21
C GLU A 261 2.99 -6.21 24.89
N PRO A 262 2.48 -5.86 26.10
CA PRO A 262 1.15 -6.30 26.55
C PRO A 262 0.05 -5.55 25.79
N SER A 263 -0.18 -5.86 24.50
CA SER A 263 -1.19 -5.18 23.70
C SER A 263 -2.58 -5.19 24.31
N PRO A 264 -3.29 -4.07 24.32
CA PRO A 264 -4.70 -4.02 24.67
C PRO A 264 -5.73 -4.72 23.77
N TYR A 265 -5.35 -5.18 22.57
CA TYR A 265 -6.33 -5.82 21.70
C TYR A 265 -5.94 -7.28 21.73
N GLN A 266 -6.80 -8.09 22.35
CA GLN A 266 -6.49 -9.49 22.60
C GLN A 266 -7.27 -10.47 21.75
N ARG A 267 -8.18 -9.95 20.92
CA ARG A 267 -8.97 -10.78 20.00
C ARG A 267 -8.85 -10.20 18.57
N ARG A 268 -9.20 -10.83 17.44
CA ARG A 268 -9.24 -10.22 16.07
C ARG A 268 -10.62 -9.57 15.97
N PHE A 269 -10.73 -8.37 16.52
CA PHE A 269 -11.97 -7.61 16.49
C PHE A 269 -12.25 -7.24 15.04
N TRP A 270 -13.42 -7.51 14.51
CA TRP A 270 -13.76 -7.32 13.12
C TRP A 270 -14.21 -5.90 12.87
N LEU B 1 -2.34 18.36 13.51
CA LEU B 1 -2.66 17.10 14.14
C LEU B 1 -1.26 16.50 14.24
N PRO B 2 -0.90 15.76 15.30
CA PRO B 2 0.42 15.16 15.47
C PRO B 2 0.67 14.03 14.48
N PRO B 3 1.91 13.67 14.15
CA PRO B 3 2.22 12.52 13.32
C PRO B 3 1.64 11.21 13.87
N TYR B 4 1.37 10.22 13.00
CA TYR B 4 0.85 8.93 13.40
C TYR B 4 1.70 8.23 14.47
N ASP B 5 1.03 7.65 15.47
CA ASP B 5 1.68 6.92 16.55
C ASP B 5 1.05 5.57 16.59
N PRO B 6 1.69 4.42 16.35
CA PRO B 6 1.05 3.10 16.44
C PRO B 6 0.77 2.69 17.88
N CYS B 7 1.34 3.36 18.89
CA CYS B 7 1.08 3.11 20.30
C CYS B 7 0.11 4.09 20.95
N ALA B 8 -0.66 4.87 20.21
CA ALA B 8 -1.53 5.87 20.81
C ALA B 8 -2.64 5.30 21.68
N VAL B 9 -3.12 4.04 21.54
CA VAL B 9 -4.16 3.52 22.43
C VAL B 9 -3.78 3.71 23.89
N PHE B 10 -2.50 3.55 24.22
CA PHE B 10 -2.10 3.61 25.61
C PHE B 10 -2.42 4.97 26.25
N ASN B 11 -2.48 6.04 25.47
CA ASN B 11 -2.70 7.37 26.02
C ASN B 11 -4.15 7.50 26.42
N SER B 12 -5.17 7.06 25.68
CA SER B 12 -6.52 7.23 26.17
C SER B 12 -6.83 6.23 27.32
N ILE B 13 -6.20 5.04 27.40
CA ILE B 13 -6.39 4.12 28.54
C ILE B 13 -5.86 4.77 29.82
N ASN B 14 -4.68 5.40 29.80
CA ASN B 14 -4.23 6.14 30.95
C ASN B 14 -5.22 7.27 31.29
N TYR B 15 -5.57 8.13 30.34
CA TYR B 15 -6.45 9.27 30.59
C TYR B 15 -7.82 8.82 31.10
N LEU B 16 -8.51 7.88 30.47
CA LEU B 16 -9.86 7.54 30.88
C LEU B 16 -9.96 6.82 32.25
N ASN B 17 -8.86 6.37 32.84
CA ASN B 17 -8.88 5.70 34.12
C ASN B 17 -8.45 6.68 35.20
N LEU B 18 -8.22 7.96 34.92
CA LEU B 18 -7.84 8.94 35.92
C LEU B 18 -9.12 9.24 36.69
N PRO B 19 -9.12 9.29 38.02
CA PRO B 19 -10.33 9.50 38.80
C PRO B 19 -11.06 10.81 38.51
N GLU B 20 -10.29 11.90 38.39
CA GLU B 20 -10.80 13.25 38.14
C GLU B 20 -11.51 13.41 36.79
N VAL B 21 -11.06 12.64 35.79
CA VAL B 21 -11.63 12.61 34.48
C VAL B 21 -12.96 11.87 34.63
N GLN B 22 -13.00 10.72 35.30
CA GLN B 22 -14.30 10.04 35.40
C GLN B 22 -15.35 10.89 36.12
N THR B 23 -14.97 11.67 37.15
CA THR B 23 -15.90 12.59 37.82
C THR B 23 -16.48 13.66 36.88
N ALA B 24 -15.60 14.31 36.09
CA ALA B 24 -15.99 15.34 35.16
C ALA B 24 -16.93 14.79 34.10
N LEU B 25 -16.71 13.54 33.71
CA LEU B 25 -17.49 12.88 32.68
C LEU B 25 -18.82 12.27 33.17
N HIS B 26 -19.01 12.19 34.50
CA HIS B 26 -20.16 11.52 35.17
C HIS B 26 -20.23 10.03 34.84
N ALA B 27 -19.06 9.42 34.85
CA ALA B 27 -18.98 8.02 34.46
C ALA B 27 -18.55 7.25 35.71
N ASN B 28 -19.00 5.99 35.85
CA ASN B 28 -18.56 5.14 36.95
C ASN B 28 -18.76 5.82 38.30
N VAL B 29 -20.04 6.17 38.41
CA VAL B 29 -20.53 6.87 39.57
C VAL B 29 -20.34 5.95 40.79
N SER B 30 -19.56 6.47 41.75
CA SER B 30 -19.20 5.80 43.00
C SER B 30 -18.61 4.38 42.87
N GLY B 31 -17.68 4.21 41.91
CA GLY B 31 -16.95 2.97 41.75
C GLY B 31 -17.83 1.78 41.44
N ILE B 32 -19.05 2.04 40.98
CA ILE B 32 -19.99 0.99 40.68
C ILE B 32 -19.50 -0.03 39.63
N VAL B 33 -18.46 0.14 38.77
CA VAL B 33 -18.07 -0.97 37.92
C VAL B 33 -16.66 -1.30 38.42
N GLU B 34 -16.57 -2.61 38.64
CA GLU B 34 -15.45 -3.17 39.37
C GLU B 34 -14.20 -3.46 38.61
N TYR B 35 -14.34 -3.60 37.30
CA TYR B 35 -13.16 -3.72 36.46
C TYR B 35 -12.75 -2.34 35.93
N PRO B 36 -11.48 -2.05 35.59
CA PRO B 36 -11.05 -0.81 34.97
C PRO B 36 -11.54 -0.58 33.54
N TRP B 37 -11.46 0.70 33.13
CA TRP B 37 -11.88 1.04 31.78
C TRP B 37 -10.86 0.44 30.79
N THR B 38 -11.36 -0.25 29.76
CA THR B 38 -10.50 -0.70 28.69
C THR B 38 -11.22 -0.50 27.37
N VAL B 39 -10.45 -0.49 26.27
CA VAL B 39 -10.94 -0.14 24.94
C VAL B 39 -11.87 -1.17 24.32
N CYS B 40 -11.58 -2.45 24.48
CA CYS B 40 -12.43 -3.50 23.96
C CYS B 40 -12.57 -4.56 25.04
N SER B 41 -13.71 -5.23 25.09
CA SER B 41 -14.00 -6.27 26.05
C SER B 41 -13.96 -7.69 25.49
N ASN B 42 -13.03 -8.52 26.01
CA ASN B 42 -12.94 -9.92 25.58
C ASN B 42 -14.14 -10.75 25.95
N THR B 43 -14.83 -10.47 27.07
CA THR B 43 -15.92 -11.37 27.42
C THR B 43 -17.10 -11.14 26.52
N ILE B 44 -17.40 -9.88 26.10
CA ILE B 44 -18.50 -9.64 25.16
C ILE B 44 -18.17 -10.35 23.84
N PHE B 45 -16.89 -10.31 23.42
CA PHE B 45 -16.50 -10.93 22.19
C PHE B 45 -16.64 -12.44 22.34
N ASP B 46 -16.11 -13.08 23.42
CA ASP B 46 -16.13 -14.54 23.55
C ASP B 46 -17.51 -15.12 23.77
N GLN B 47 -18.39 -14.34 24.40
CA GLN B 47 -19.72 -14.79 24.69
C GLN B 47 -20.79 -14.45 23.68
N TRP B 48 -20.40 -13.90 22.52
CA TRP B 48 -21.41 -13.48 21.56
C TRP B 48 -22.08 -14.72 20.99
N GLY B 49 -23.38 -14.64 20.76
CA GLY B 49 -24.12 -15.77 20.29
C GLY B 49 -24.54 -15.57 18.86
N GLN B 50 -25.77 -15.16 18.60
CA GLN B 50 -26.24 -14.92 17.25
C GLN B 50 -25.48 -13.81 16.51
N ALA B 51 -24.91 -14.18 15.36
CA ALA B 51 -24.16 -13.30 14.44
C ALA B 51 -24.71 -13.65 13.05
N ALA B 52 -25.47 -12.76 12.39
CA ALA B 52 -26.01 -13.07 11.06
C ALA B 52 -24.96 -13.38 9.99
N ASP B 53 -25.32 -14.16 9.01
CA ASP B 53 -24.37 -14.54 7.97
C ASP B 53 -24.56 -13.74 6.68
N ASP B 54 -25.61 -12.94 6.56
CA ASP B 54 -25.92 -12.23 5.35
C ASP B 54 -26.73 -10.96 5.61
N LEU B 55 -26.17 -9.76 5.52
CA LEU B 55 -26.95 -8.55 5.74
C LEU B 55 -27.57 -7.94 4.50
N LEU B 56 -27.35 -8.53 3.33
CA LEU B 56 -27.87 -8.04 2.06
C LEU B 56 -29.41 -7.89 1.99
N PRO B 57 -30.29 -8.74 2.58
CA PRO B 57 -31.70 -8.45 2.70
C PRO B 57 -32.07 -7.21 3.53
N VAL B 58 -31.25 -6.80 4.52
CA VAL B 58 -31.42 -5.59 5.35
C VAL B 58 -31.15 -4.41 4.42
N TYR B 59 -30.04 -4.45 3.66
CA TYR B 59 -29.74 -3.44 2.62
C TYR B 59 -30.84 -3.27 1.57
N ARG B 60 -31.39 -4.32 0.95
CA ARG B 60 -32.52 -4.17 0.03
C ARG B 60 -33.70 -3.46 0.65
N GLU B 61 -33.98 -3.67 1.94
CA GLU B 61 -35.08 -3.01 2.61
C GLU B 61 -34.86 -1.51 2.86
N LEU B 62 -33.64 -1.14 3.25
CA LEU B 62 -33.36 0.25 3.54
C LEU B 62 -33.37 1.09 2.27
N ILE B 63 -32.84 0.55 1.16
CA ILE B 63 -32.80 1.14 -0.17
C ILE B 63 -34.22 1.26 -0.70
N GLN B 64 -35.06 0.21 -0.58
CA GLN B 64 -36.47 0.31 -0.89
C GLN B 64 -37.16 1.42 -0.09
N ALA B 65 -36.79 1.69 1.16
CA ALA B 65 -37.42 2.76 1.91
C ALA B 65 -36.96 4.14 1.49
N GLY B 66 -36.02 4.23 0.56
CA GLY B 66 -35.52 5.50 0.07
C GLY B 66 -34.57 6.17 1.04
N LEU B 67 -33.85 5.44 1.90
CA LEU B 67 -32.90 6.04 2.84
C LEU B 67 -31.57 6.23 2.15
N ARG B 68 -30.77 7.23 2.49
CA ARG B 68 -29.45 7.39 1.91
C ARG B 68 -28.54 6.29 2.49
N VAL B 69 -27.84 5.51 1.66
CA VAL B 69 -26.97 4.42 2.09
C VAL B 69 -25.58 4.65 1.47
N TRP B 70 -24.56 4.92 2.24
CA TRP B 70 -23.19 5.01 1.71
C TRP B 70 -22.28 4.01 2.46
N VAL B 71 -21.28 3.39 1.86
CA VAL B 71 -20.43 2.40 2.54
C VAL B 71 -19.00 2.82 2.20
N TYR B 72 -17.94 2.77 3.01
CA TYR B 72 -16.63 3.10 2.53
C TYR B 72 -15.54 2.21 3.12
N SER B 73 -14.32 2.07 2.56
CA SER B 73 -13.27 1.25 3.13
C SER B 73 -11.94 1.98 3.05
N GLY B 74 -10.91 1.65 3.85
CA GLY B 74 -9.57 2.16 3.71
C GLY B 74 -8.81 1.10 2.91
N ASP B 75 -7.99 1.40 1.91
CA ASP B 75 -7.45 0.31 1.10
C ASP B 75 -6.16 -0.36 1.58
N THR B 76 -5.58 -0.02 2.74
CA THR B 76 -4.47 -0.82 3.26
C THR B 76 -4.90 -1.71 4.46
N ASP B 77 -6.20 -1.89 4.70
CA ASP B 77 -6.72 -2.78 5.69
C ASP B 77 -6.68 -4.21 5.17
N SER B 78 -6.22 -5.26 5.91
CA SER B 78 -6.39 -6.66 5.49
C SER B 78 -7.40 -7.45 6.32
N VAL B 79 -7.99 -6.87 7.37
CA VAL B 79 -9.03 -7.54 8.16
C VAL B 79 -10.34 -7.51 7.44
N VAL B 80 -10.90 -6.35 7.01
CA VAL B 80 -12.03 -6.42 6.06
C VAL B 80 -11.55 -5.65 4.80
N PRO B 81 -10.90 -6.34 3.85
CA PRO B 81 -10.32 -5.74 2.65
C PRO B 81 -11.34 -5.32 1.59
N VAL B 82 -10.89 -4.35 0.78
CA VAL B 82 -11.66 -3.79 -0.33
C VAL B 82 -12.29 -4.90 -1.17
N SER B 83 -11.55 -5.98 -1.48
CA SER B 83 -12.12 -7.07 -2.30
C SER B 83 -13.35 -7.77 -1.71
N SER B 84 -13.41 -7.84 -0.35
CA SER B 84 -14.51 -8.50 0.36
C SER B 84 -15.79 -7.70 0.16
N THR B 85 -15.73 -6.40 0.54
CA THR B 85 -16.85 -5.52 0.41
C THR B 85 -17.32 -5.32 -1.05
N ARG B 86 -16.41 -5.16 -2.03
CA ARG B 86 -16.79 -5.06 -3.44
C ARG B 86 -17.54 -6.29 -3.91
N ARG B 87 -17.07 -7.50 -3.59
CA ARG B 87 -17.83 -8.70 -3.92
C ARG B 87 -19.21 -8.72 -3.25
N SER B 88 -19.32 -8.40 -1.94
CA SER B 88 -20.62 -8.42 -1.27
C SER B 88 -21.64 -7.44 -1.87
N LEU B 89 -21.24 -6.18 -2.04
CA LEU B 89 -22.06 -5.15 -2.66
C LEU B 89 -22.46 -5.43 -4.13
N ALA B 90 -21.56 -5.95 -4.92
CA ALA B 90 -21.84 -6.34 -6.29
C ALA B 90 -22.93 -7.41 -6.33
N ALA B 91 -23.15 -8.19 -5.26
CA ALA B 91 -24.16 -9.23 -5.30
C ALA B 91 -25.57 -8.69 -5.11
N LEU B 92 -25.76 -7.41 -4.73
CA LEU B 92 -27.09 -6.80 -4.64
C LEU B 92 -27.74 -6.61 -5.99
N GLU B 93 -26.85 -6.59 -7.01
CA GLU B 93 -27.17 -6.52 -8.43
C GLU B 93 -27.80 -5.19 -8.82
N LEU B 94 -27.36 -4.09 -8.21
CA LEU B 94 -27.94 -2.78 -8.50
C LEU B 94 -27.43 -2.22 -9.84
N PRO B 95 -28.29 -1.49 -10.57
CA PRO B 95 -27.89 -0.67 -11.72
C PRO B 95 -26.81 0.37 -11.42
N VAL B 96 -25.80 0.48 -12.28
CA VAL B 96 -24.76 1.48 -12.10
C VAL B 96 -25.25 2.80 -12.63
N LYS B 97 -25.05 3.81 -11.84
CA LYS B 97 -25.42 5.15 -12.21
C LYS B 97 -24.13 5.91 -12.57
N THR B 98 -23.05 5.92 -11.79
CA THR B 98 -21.83 6.63 -12.11
C THR B 98 -20.76 5.56 -11.93
N SER B 99 -20.10 5.21 -13.02
CA SER B 99 -19.06 4.20 -13.09
C SER B 99 -17.86 4.54 -12.26
N TRP B 100 -17.07 3.49 -11.98
CA TRP B 100 -15.89 3.53 -11.11
C TRP B 100 -15.02 4.72 -11.49
N TYR B 101 -14.65 5.64 -10.61
CA TYR B 101 -13.87 6.75 -11.09
C TYR B 101 -13.01 7.23 -9.95
N PRO B 102 -11.86 7.85 -10.20
CA PRO B 102 -11.04 8.52 -9.18
C PRO B 102 -11.63 9.84 -8.67
N TRP B 103 -11.57 10.11 -7.34
CA TRP B 103 -12.13 11.33 -6.82
C TRP B 103 -10.99 12.15 -6.27
N TYR B 104 -11.14 13.47 -6.20
CA TYR B 104 -10.05 14.35 -5.80
C TYR B 104 -10.63 15.26 -4.74
N MET B 105 -9.79 15.92 -3.96
CA MET B 105 -10.25 16.78 -2.89
C MET B 105 -11.05 18.02 -3.35
N ALA B 106 -10.89 18.38 -4.62
CA ALA B 106 -11.54 19.47 -5.33
C ALA B 106 -11.35 19.11 -6.80
N PRO B 107 -12.19 19.51 -7.79
CA PRO B 107 -12.09 19.12 -9.21
C PRO B 107 -10.81 19.66 -9.87
N THR B 108 -10.25 20.69 -9.26
CA THR B 108 -8.97 21.25 -9.64
C THR B 108 -7.75 20.60 -8.97
N GLU B 109 -7.87 19.59 -8.11
CA GLU B 109 -6.71 19.11 -7.36
C GLU B 109 -6.11 17.96 -8.12
N ARG B 110 -4.87 17.63 -7.81
CA ARG B 110 -4.19 16.56 -8.54
C ARG B 110 -3.98 15.22 -7.81
N GLU B 111 -3.98 15.13 -6.46
CA GLU B 111 -3.75 13.86 -5.79
C GLU B 111 -5.00 13.03 -5.67
N VAL B 112 -5.04 11.77 -6.10
CA VAL B 112 -6.24 10.95 -5.98
C VAL B 112 -6.58 10.80 -4.51
N GLY B 113 -7.76 11.08 -4.00
CA GLY B 113 -8.05 10.81 -2.61
C GLY B 113 -8.51 9.31 -2.50
N GLY B 114 -8.98 8.65 -3.57
CA GLY B 114 -9.51 7.30 -3.56
C GLY B 114 -10.38 7.09 -4.78
N TRP B 115 -11.25 6.08 -4.91
CA TRP B 115 -12.09 5.78 -6.07
C TRP B 115 -13.55 5.62 -5.63
N SER B 116 -14.57 5.63 -6.46
CA SER B 116 -15.95 5.54 -6.02
C SER B 116 -16.77 5.01 -7.16
N VAL B 117 -17.89 4.35 -6.83
CA VAL B 117 -18.86 3.80 -7.79
C VAL B 117 -20.17 4.29 -7.17
N GLN B 118 -21.16 4.78 -7.94
CA GLN B 118 -22.51 5.03 -7.44
C GLN B 118 -23.47 4.11 -8.15
N TYR B 119 -24.20 3.31 -7.38
CA TYR B 119 -25.22 2.46 -7.95
C TYR B 119 -26.53 3.22 -7.78
N GLU B 120 -27.62 2.72 -8.33
CA GLU B 120 -28.89 3.33 -8.04
C GLU B 120 -29.29 2.89 -6.62
N GLY B 121 -29.15 3.81 -5.68
CA GLY B 121 -29.56 3.55 -4.30
C GLY B 121 -28.41 3.42 -3.29
N LEU B 122 -27.15 3.38 -3.71
CA LEU B 122 -26.04 3.11 -2.82
C LEU B 122 -24.75 3.71 -3.33
N THR B 123 -23.95 4.43 -2.54
CA THR B 123 -22.66 4.91 -3.03
C THR B 123 -21.54 4.13 -2.31
N TYR B 124 -20.49 3.60 -2.96
CA TYR B 124 -19.35 2.97 -2.31
C TYR B 124 -18.12 3.87 -2.55
N VAL B 125 -17.23 4.18 -1.58
CA VAL B 125 -16.08 5.04 -1.70
C VAL B 125 -14.83 4.30 -1.16
N THR B 126 -13.60 4.33 -1.72
CA THR B 126 -12.44 3.77 -1.05
C THR B 126 -11.56 4.98 -0.67
N VAL B 127 -10.73 4.95 0.38
CA VAL B 127 -9.86 6.05 0.74
C VAL B 127 -8.44 5.49 0.56
N ARG B 128 -7.69 6.06 -0.41
CA ARG B 128 -6.33 5.62 -0.71
C ARG B 128 -5.32 5.84 0.43
N GLY B 129 -4.54 4.80 0.80
CA GLY B 129 -3.53 4.93 1.87
C GLY B 129 -4.03 4.85 3.31
N ALA B 130 -5.30 4.48 3.52
CA ALA B 130 -5.93 4.49 4.83
C ALA B 130 -6.20 3.04 5.27
N GLY B 131 -5.95 2.77 6.56
CA GLY B 131 -6.21 1.45 7.14
C GLY B 131 -7.66 1.28 7.61
N HIS B 132 -7.98 0.25 8.41
CA HIS B 132 -9.35 0.00 8.92
C HIS B 132 -9.97 1.23 9.62
N LEU B 133 -9.15 1.92 10.43
CA LEU B 133 -9.56 3.12 11.16
C LEU B 133 -9.17 4.29 10.28
N VAL B 134 -10.02 4.54 9.26
CA VAL B 134 -9.71 5.50 8.20
C VAL B 134 -9.33 6.91 8.74
N PRO B 135 -10.00 7.56 9.70
CA PRO B 135 -9.69 8.89 10.14
C PRO B 135 -8.41 8.96 10.90
N VAL B 136 -7.77 7.87 11.31
CA VAL B 136 -6.50 8.11 12.00
C VAL B 136 -5.40 8.15 10.91
N HIS B 137 -5.64 7.59 9.71
CA HIS B 137 -4.63 7.60 8.65
C HIS B 137 -4.81 8.74 7.66
N ARG B 138 -6.07 9.03 7.29
CA ARG B 138 -6.37 10.08 6.34
C ARG B 138 -7.44 11.02 6.90
N PRO B 139 -7.19 11.90 7.91
CA PRO B 139 -8.20 12.74 8.50
C PRO B 139 -8.88 13.74 7.57
N ALA B 140 -8.14 14.44 6.68
CA ALA B 140 -8.74 15.46 5.80
C ALA B 140 -9.70 14.81 4.80
N GLN B 141 -9.31 13.64 4.28
CA GLN B 141 -10.14 12.92 3.34
C GLN B 141 -11.37 12.35 4.02
N ALA B 142 -11.28 11.87 5.29
CA ALA B 142 -12.49 11.32 5.92
C ALA B 142 -13.53 12.41 6.21
N PHE B 143 -13.04 13.61 6.60
CA PHE B 143 -13.89 14.79 6.80
C PHE B 143 -14.63 15.23 5.54
N LEU B 144 -13.94 15.30 4.40
CA LEU B 144 -14.58 15.58 3.13
C LEU B 144 -15.63 14.54 2.82
N LEU B 145 -15.34 13.25 3.01
CA LEU B 145 -16.31 12.17 2.77
C LEU B 145 -17.56 12.37 3.65
N PHE B 146 -17.41 12.70 4.93
CA PHE B 146 -18.56 12.88 5.81
C PHE B 146 -19.44 14.05 5.32
N LYS B 147 -18.84 15.22 4.98
CA LYS B 147 -19.56 16.38 4.39
C LYS B 147 -20.30 16.05 3.09
N GLN B 148 -19.70 15.34 2.15
CA GLN B 148 -20.39 14.96 0.94
C GLN B 148 -21.55 14.05 1.26
N PHE B 149 -21.42 13.19 2.27
CA PHE B 149 -22.47 12.24 2.62
C PHE B 149 -23.66 13.04 3.15
N LEU B 150 -23.41 13.97 4.08
CA LEU B 150 -24.50 14.79 4.63
C LEU B 150 -25.27 15.60 3.55
N LYS B 151 -24.57 16.02 2.48
CA LYS B 151 -25.16 16.71 1.34
C LYS B 151 -25.83 15.77 0.35
N GLY B 152 -25.41 14.52 0.25
CA GLY B 152 -25.99 13.59 -0.70
C GLY B 152 -25.36 13.85 -2.06
N GLU B 153 -24.12 14.27 -2.04
CA GLU B 153 -23.47 14.69 -3.25
C GLU B 153 -22.20 13.88 -3.44
N PRO B 154 -21.84 13.50 -4.68
CA PRO B 154 -20.76 12.61 -5.02
C PRO B 154 -19.43 13.21 -4.68
N MET B 155 -18.48 12.31 -4.57
CA MET B 155 -17.10 12.72 -4.32
C MET B 155 -16.55 13.42 -5.59
N PRO B 156 -15.74 14.47 -5.45
CA PRO B 156 -15.40 15.35 -6.56
C PRO B 156 -14.64 14.69 -7.71
N ALA B 157 -15.19 14.49 -8.90
CA ALA B 157 -14.39 14.06 -10.07
C ALA B 157 -13.54 15.21 -10.62
N GLU B 158 -12.60 15.07 -11.55
CA GLU B 158 -11.90 16.28 -11.99
C GLU B 158 -12.56 16.95 -13.21
N GLN C 4 44.59 3.18 -23.09
CA GLN C 4 43.32 2.49 -23.04
C GLN C 4 42.90 2.79 -21.59
N GLN C 5 42.72 1.95 -20.55
CA GLN C 5 42.07 2.36 -19.28
C GLN C 5 42.53 3.54 -18.43
N GLU C 6 43.83 3.81 -18.33
CA GLU C 6 44.39 4.96 -17.63
C GLU C 6 43.83 6.32 -18.10
N ASP C 7 43.46 6.38 -19.37
CA ASP C 7 42.87 7.58 -19.92
C ASP C 7 41.43 7.71 -19.45
N ASP C 8 40.78 6.60 -19.05
CA ASP C 8 39.42 6.59 -18.57
C ASP C 8 39.21 7.00 -17.12
N ARG C 9 40.29 7.14 -16.35
CA ARG C 9 40.28 7.51 -14.94
C ARG C 9 39.55 8.80 -14.70
N ILE C 10 38.56 8.84 -13.78
CA ILE C 10 37.89 10.08 -13.47
C ILE C 10 38.57 10.59 -12.21
N LEU C 11 39.04 11.82 -12.34
CA LEU C 11 39.82 12.41 -11.26
C LEU C 11 38.94 13.02 -10.20
N GLY C 12 37.72 13.44 -10.51
CA GLY C 12 36.83 14.06 -9.54
C GLY C 12 35.65 14.69 -10.29
N LEU C 13 34.51 14.77 -9.65
CA LEU C 13 33.30 15.28 -10.27
C LEU C 13 33.05 16.68 -9.74
N PRO C 14 32.43 17.64 -10.49
CA PRO C 14 32.03 18.94 -9.97
C PRO C 14 30.99 18.74 -8.84
N GLY C 15 31.10 19.42 -7.71
CA GLY C 15 30.11 19.29 -6.64
C GLY C 15 30.23 18.04 -5.78
N GLN C 16 31.30 17.25 -5.99
CA GLN C 16 31.61 16.01 -5.28
C GLN C 16 31.88 16.30 -3.81
N PRO C 17 31.30 15.49 -2.88
CA PRO C 17 31.50 15.61 -1.44
C PRO C 17 32.95 15.33 -1.08
N ASN C 18 33.23 15.66 0.17
CA ASN C 18 34.58 15.52 0.60
C ASN C 18 35.19 14.14 0.83
N GLY C 19 34.54 13.09 1.34
CA GLY C 19 35.32 11.88 1.62
C GLY C 19 35.39 10.77 0.55
N VAL C 20 35.58 10.89 -0.79
CA VAL C 20 35.47 9.66 -1.58
C VAL C 20 36.85 9.08 -1.81
N ALA C 21 36.88 7.81 -1.41
CA ALA C 21 38.11 7.04 -1.42
C ALA C 21 38.24 5.98 -2.52
N PHE C 22 37.12 5.54 -3.07
CA PHE C 22 37.09 4.52 -4.10
C PHE C 22 37.48 5.08 -5.47
N GLY C 23 37.88 4.19 -6.39
CA GLY C 23 38.23 4.54 -7.76
C GLY C 23 37.02 4.58 -8.67
N MET C 24 37.11 5.47 -9.68
CA MET C 24 36.11 5.61 -10.73
C MET C 24 36.75 5.68 -12.10
N TYR C 25 36.15 5.09 -13.12
CA TYR C 25 36.58 5.14 -14.51
C TYR C 25 35.37 5.43 -15.42
N GLY C 26 35.45 6.13 -16.56
CA GLY C 26 34.32 6.35 -17.49
C GLY C 26 34.84 6.60 -18.92
N GLY C 27 34.11 6.22 -19.95
CA GLY C 27 34.55 6.42 -21.32
C GLY C 27 33.71 5.61 -22.30
N TYR C 28 34.16 5.49 -23.56
CA TYR C 28 33.40 4.83 -24.61
C TYR C 28 34.09 3.55 -25.05
N VAL C 29 33.35 2.52 -25.43
CA VAL C 29 33.93 1.31 -25.95
C VAL C 29 33.21 1.16 -27.27
N THR C 30 33.93 1.16 -28.40
CA THR C 30 33.35 1.03 -29.74
C THR C 30 33.00 -0.41 -29.98
N ILE C 31 31.73 -0.72 -30.27
CA ILE C 31 31.37 -2.10 -30.52
C ILE C 31 31.19 -2.34 -32.01
N ASP C 32 31.09 -1.31 -32.88
CA ASP C 32 31.08 -1.53 -34.34
C ASP C 32 31.86 -0.38 -34.97
N ASP C 33 33.03 -0.77 -35.41
CA ASP C 33 34.01 0.13 -36.04
C ASP C 33 33.51 0.67 -37.37
N ASN C 34 32.89 -0.21 -38.14
CA ASN C 34 32.33 0.14 -39.43
C ASN C 34 31.19 1.16 -39.31
N ASN C 35 30.07 0.87 -38.61
CA ASN C 35 28.98 1.82 -38.43
C ASN C 35 29.25 2.97 -37.48
N GLY C 36 30.27 2.84 -36.62
CA GLY C 36 30.67 3.89 -35.70
C GLY C 36 29.75 3.91 -34.50
N ARG C 37 29.44 2.72 -33.94
CA ARG C 37 28.58 2.59 -32.78
C ARG C 37 29.35 2.38 -31.47
N ALA C 38 29.10 3.14 -30.40
CA ALA C 38 29.83 3.05 -29.14
C ALA C 38 28.94 3.25 -27.91
N LEU C 39 29.22 2.49 -26.82
CA LEU C 39 28.43 2.57 -25.58
C LEU C 39 29.25 3.26 -24.52
N TYR C 40 28.61 4.11 -23.73
CA TYR C 40 29.28 4.84 -22.64
C TYR C 40 29.12 4.01 -21.34
N TYR C 41 30.12 3.99 -20.45
CA TYR C 41 30.05 3.27 -19.17
C TYR C 41 30.60 4.14 -18.02
N TRP C 42 30.14 3.97 -16.77
CA TRP C 42 30.74 4.59 -15.57
C TRP C 42 30.97 3.43 -14.57
N PHE C 43 32.20 3.29 -14.10
CA PHE C 43 32.59 2.22 -13.20
C PHE C 43 32.92 2.76 -11.81
N GLN C 44 32.15 2.36 -10.79
CA GLN C 44 32.48 2.72 -9.41
C GLN C 44 33.08 1.47 -8.70
N GLU C 45 34.34 1.57 -8.28
CA GLU C 45 34.98 0.47 -7.58
C GLU C 45 34.57 0.38 -6.11
N ALA C 46 34.71 -0.83 -5.58
CA ALA C 46 34.33 -1.18 -4.22
C ALA C 46 35.07 -0.34 -3.17
N ASP C 47 34.28 0.16 -2.25
CA ASP C 47 34.75 0.91 -1.12
C ASP C 47 34.79 -0.06 0.05
N THR C 48 35.91 -0.78 0.11
CA THR C 48 36.11 -1.97 0.92
C THR C 48 37.60 -1.99 1.31
N ALA C 49 38.09 -2.90 2.16
CA ALA C 49 39.50 -2.88 2.57
C ALA C 49 40.39 -3.44 1.48
N ASP C 50 39.85 -4.41 0.70
CA ASP C 50 40.57 -4.94 -0.43
C ASP C 50 39.64 -5.13 -1.64
N PRO C 51 39.54 -4.09 -2.50
CA PRO C 51 38.65 -4.08 -3.66
C PRO C 51 38.88 -5.22 -4.64
N ALA C 52 40.14 -5.67 -4.70
CA ALA C 52 40.57 -6.81 -5.51
C ALA C 52 39.98 -8.14 -5.09
N ALA C 53 39.51 -8.17 -3.85
CA ALA C 53 38.86 -9.33 -3.32
C ALA C 53 37.39 -9.36 -3.68
N ALA C 54 36.81 -8.17 -3.94
CA ALA C 54 35.38 -8.04 -4.15
C ALA C 54 34.93 -8.40 -5.57
N PRO C 55 33.78 -9.05 -5.73
CA PRO C 55 33.21 -9.36 -7.04
C PRO C 55 32.92 -8.15 -7.95
N LEU C 56 32.52 -8.46 -9.20
CA LEU C 56 32.23 -7.44 -10.21
C LEU C 56 30.78 -7.65 -10.63
N VAL C 57 30.00 -6.57 -10.63
CA VAL C 57 28.58 -6.68 -11.02
C VAL C 57 28.22 -5.68 -12.12
N LEU C 58 27.57 -6.12 -13.18
CA LEU C 58 27.08 -5.24 -14.23
C LEU C 58 25.64 -4.88 -13.89
N TRP C 59 25.34 -3.57 -13.82
CA TRP C 59 23.94 -3.14 -13.59
C TRP C 59 23.37 -2.54 -14.89
N LEU C 60 22.18 -3.01 -15.27
CA LEU C 60 21.50 -2.48 -16.42
C LEU C 60 20.08 -2.00 -16.10
N ASN C 61 19.65 -0.77 -16.48
CA ASN C 61 18.22 -0.46 -16.39
C ASN C 61 17.52 -0.87 -17.69
N GLY C 62 16.19 -0.90 -17.81
CA GLY C 62 15.49 -1.39 -19.01
C GLY C 62 14.55 -0.32 -19.57
N GLY C 63 13.33 -0.64 -20.01
CA GLY C 63 12.40 0.32 -20.57
C GLY C 63 11.60 -0.36 -21.69
N PRO C 64 12.16 -0.77 -22.85
CA PRO C 64 13.54 -0.50 -23.27
C PRO C 64 13.85 0.98 -23.47
N GLY C 65 15.06 1.51 -23.29
CA GLY C 65 15.31 2.90 -23.63
C GLY C 65 15.80 3.74 -22.49
N CYS C 66 15.75 3.30 -21.22
CA CYS C 66 16.21 4.15 -20.13
C CYS C 66 17.64 3.87 -19.70
N SER C 67 18.26 4.90 -19.16
CA SER C 67 19.64 4.88 -18.77
C SER C 67 20.10 4.26 -17.41
N SER C 68 21.07 3.33 -17.43
CA SER C 68 21.69 2.80 -16.24
C SER C 68 22.37 3.83 -15.36
N ILE C 69 22.93 4.91 -15.92
CA ILE C 69 23.53 5.98 -15.12
C ILE C 69 22.48 6.92 -14.52
N GLY C 70 21.44 7.26 -15.29
CA GLY C 70 20.41 8.20 -14.82
C GLY C 70 19.49 7.69 -13.72
N LEU C 71 19.02 6.45 -13.95
CA LEU C 71 18.31 5.63 -12.98
C LEU C 71 19.29 4.85 -12.09
N GLY C 72 19.95 3.73 -12.47
CA GLY C 72 20.84 2.96 -11.61
C GLY C 72 21.79 3.77 -10.70
N ALA C 73 22.76 4.46 -11.27
CA ALA C 73 23.74 5.23 -10.52
C ALA C 73 23.27 6.47 -9.78
N MET C 74 22.51 7.40 -10.40
CA MET C 74 22.21 8.67 -9.72
C MET C 74 20.95 8.72 -8.87
N GLN C 75 19.99 7.85 -9.04
CA GLN C 75 18.79 7.87 -8.23
C GLN C 75 18.66 6.60 -7.40
N GLU C 76 19.29 5.45 -7.73
CA GLU C 76 19.07 4.23 -6.98
C GLU C 76 20.21 3.64 -6.16
N LEU C 77 21.24 3.06 -6.74
CA LEU C 77 22.17 2.25 -5.95
C LEU C 77 23.61 2.67 -6.02
N GLY C 78 23.86 3.76 -6.70
CA GLY C 78 25.23 4.22 -6.90
C GLY C 78 25.67 5.05 -5.71
N ALA C 79 26.98 5.32 -5.72
CA ALA C 79 27.62 6.08 -4.68
C ALA C 79 27.09 7.47 -4.46
N PHE C 80 26.57 8.19 -5.47
CA PHE C 80 26.19 9.59 -5.27
C PHE C 80 24.74 9.76 -5.56
N ARG C 81 24.24 10.84 -5.03
CA ARG C 81 22.84 11.20 -5.19
C ARG C 81 22.92 12.72 -5.51
N VAL C 82 21.99 13.35 -6.25
CA VAL C 82 22.17 14.75 -6.67
C VAL C 82 21.40 15.66 -5.74
N HIS C 83 21.94 16.80 -5.25
CA HIS C 83 21.14 17.77 -4.49
C HIS C 83 20.04 18.44 -5.30
N THR C 84 19.05 19.12 -4.68
CA THR C 84 17.97 19.78 -5.43
C THR C 84 18.48 20.96 -6.30
N ASN C 85 19.68 21.51 -6.08
CA ASN C 85 20.16 22.58 -6.94
C ASN C 85 20.63 22.00 -8.30
N GLY C 86 20.64 20.68 -8.55
CA GLY C 86 21.07 20.09 -9.82
C GLY C 86 22.53 20.35 -10.16
N GLU C 87 23.33 20.69 -9.16
CA GLU C 87 24.73 21.03 -9.34
C GLU C 87 25.74 20.35 -8.44
N SER C 88 25.35 19.84 -7.27
CA SER C 88 26.32 19.17 -6.38
C SER C 88 25.74 17.85 -5.88
N LEU C 89 26.65 17.05 -5.32
CA LEU C 89 26.40 15.65 -4.97
C LEU C 89 26.55 15.39 -3.49
N LEU C 90 25.94 14.28 -3.03
CA LEU C 90 26.04 13.74 -1.67
C LEU C 90 26.26 12.22 -1.76
N LEU C 91 26.95 11.66 -0.77
CA LEU C 91 27.18 10.21 -0.68
C LEU C 91 25.97 9.42 -0.21
N ASN C 92 25.72 8.31 -0.86
CA ASN C 92 24.62 7.42 -0.54
C ASN C 92 25.21 6.35 0.42
N GLU C 93 24.84 6.34 1.70
CA GLU C 93 25.34 5.33 2.64
C GLU C 93 24.79 3.91 2.40
N TYR C 94 23.79 3.68 1.53
CA TYR C 94 23.39 2.32 1.20
C TYR C 94 23.83 1.98 -0.21
N ALA C 95 24.89 2.64 -0.67
CA ALA C 95 25.46 2.38 -1.99
C ALA C 95 25.93 0.94 -2.17
N TRP C 96 25.63 0.27 -3.30
CA TRP C 96 25.99 -1.13 -3.46
C TRP C 96 27.49 -1.36 -3.66
N ASN C 97 28.32 -0.32 -3.84
CA ASN C 97 29.76 -0.51 -4.03
C ASN C 97 30.47 -0.58 -2.67
N LYS C 98 29.68 -0.58 -1.58
CA LYS C 98 30.21 -0.92 -0.27
C LYS C 98 30.38 -2.46 -0.18
N ALA C 99 29.76 -3.23 -1.09
CA ALA C 99 29.95 -4.67 -1.12
C ALA C 99 30.53 -5.14 -2.46
N ALA C 100 30.53 -4.43 -3.61
CA ALA C 100 31.06 -4.97 -4.86
C ALA C 100 31.63 -3.90 -5.80
N ASN C 101 32.26 -4.28 -6.90
CA ASN C 101 32.70 -3.31 -7.89
C ASN C 101 31.51 -3.23 -8.87
N ILE C 102 30.97 -2.05 -9.12
CA ILE C 102 29.74 -1.86 -9.89
C ILE C 102 30.02 -1.12 -11.20
N LEU C 103 29.64 -1.79 -12.28
CA LEU C 103 29.80 -1.31 -13.64
C LEU C 103 28.44 -0.90 -14.19
N PHE C 104 28.23 0.39 -14.53
CA PHE C 104 26.97 0.85 -15.17
C PHE C 104 27.21 1.07 -16.69
N ALA C 105 26.54 0.42 -17.63
CA ALA C 105 26.65 0.72 -19.05
C ALA C 105 25.32 1.26 -19.62
N GLU C 106 25.32 2.38 -20.38
CA GLU C 106 24.07 2.84 -21.02
C GLU C 106 23.87 2.07 -22.32
N SER C 107 22.77 1.38 -22.49
CA SER C 107 22.60 0.51 -23.60
C SER C 107 21.12 0.37 -23.99
N PRO C 108 20.66 0.29 -25.26
CA PRO C 108 21.52 0.27 -26.44
C PRO C 108 22.05 1.65 -26.87
N ALA C 109 22.82 1.81 -27.98
CA ALA C 109 23.24 3.14 -28.47
C ALA C 109 21.98 3.97 -28.81
N GLY C 110 21.93 5.25 -28.47
CA GLY C 110 20.71 6.06 -28.60
C GLY C 110 20.24 6.47 -27.20
N VAL C 111 20.69 5.73 -26.16
CA VAL C 111 20.36 6.01 -24.76
C VAL C 111 21.48 6.80 -24.11
N GLY C 112 21.11 7.95 -23.57
CA GLY C 112 22.00 8.79 -22.80
C GLY C 112 23.14 9.33 -23.63
N PHE C 113 24.37 8.93 -23.30
CA PHE C 113 25.58 9.34 -23.97
C PHE C 113 26.03 8.35 -25.05
N SER C 114 25.42 7.16 -25.11
CA SER C 114 25.76 6.14 -26.09
C SER C 114 25.15 6.52 -27.46
N TYR C 115 25.85 6.32 -28.58
CA TYR C 115 25.38 6.81 -29.86
C TYR C 115 25.83 5.88 -30.98
N SER C 116 25.24 6.05 -32.14
CA SER C 116 25.80 5.43 -33.34
C SER C 116 25.91 6.50 -34.42
N ASN C 117 26.97 6.42 -35.24
CA ASN C 117 27.12 7.26 -36.42
C ASN C 117 26.33 6.73 -37.61
N THR C 118 25.60 5.60 -37.54
CA THR C 118 24.71 5.15 -38.58
C THR C 118 23.31 5.15 -37.93
N SER C 119 22.41 5.98 -38.45
CA SER C 119 21.08 6.15 -37.93
C SER C 119 20.18 4.94 -37.84
N SER C 120 20.31 4.06 -38.82
CA SER C 120 19.52 2.85 -38.85
C SER C 120 19.78 1.94 -37.65
N ASP C 121 20.91 2.15 -36.94
CA ASP C 121 21.22 1.36 -35.75
C ASP C 121 20.25 1.59 -34.62
N LEU C 122 19.44 2.64 -34.64
CA LEU C 122 18.52 2.88 -33.56
C LEU C 122 17.24 2.10 -33.62
N SER C 123 17.04 1.20 -34.56
CA SER C 123 15.83 0.37 -34.52
C SER C 123 16.38 -0.97 -33.98
N MET C 124 16.03 -1.36 -32.73
CA MET C 124 16.62 -2.52 -32.11
C MET C 124 15.59 -3.60 -31.86
N GLY C 125 16.02 -4.76 -31.39
CA GLY C 125 15.18 -5.91 -31.03
C GLY C 125 15.93 -6.65 -29.92
N ASP C 126 15.34 -7.68 -29.33
CA ASP C 126 15.90 -8.33 -28.13
C ASP C 126 17.21 -9.04 -28.38
N ASP C 127 17.26 -9.78 -29.47
CA ASP C 127 18.48 -10.45 -29.84
C ASP C 127 19.62 -9.55 -30.23
N LYS C 128 19.38 -8.42 -30.89
CA LYS C 128 20.48 -7.55 -31.27
C LYS C 128 20.98 -6.85 -30.01
N MET C 129 20.12 -6.57 -29.02
CA MET C 129 20.54 -5.93 -27.76
C MET C 129 21.52 -6.82 -26.95
N ALA C 130 21.19 -8.12 -26.78
CA ALA C 130 22.00 -9.12 -26.07
C ALA C 130 23.33 -9.25 -26.79
N GLN C 131 23.36 -9.39 -28.13
CA GLN C 131 24.62 -9.39 -28.86
C GLN C 131 25.45 -8.15 -28.74
N ASP C 132 24.86 -6.96 -28.84
CA ASP C 132 25.62 -5.75 -28.67
C ASP C 132 26.19 -5.60 -27.28
N THR C 133 25.45 -5.96 -26.19
CA THR C 133 25.97 -5.77 -24.83
C THR C 133 27.00 -6.87 -24.49
N TYR C 134 26.91 -8.07 -25.09
CA TYR C 134 27.95 -9.06 -24.92
C TYR C 134 29.25 -8.54 -25.56
N THR C 135 29.24 -8.05 -26.80
CA THR C 135 30.45 -7.51 -27.44
C THR C 135 31.08 -6.41 -26.58
N PHE C 136 30.24 -5.59 -25.95
CA PHE C 136 30.73 -4.53 -25.05
C PHE C 136 31.57 -5.11 -23.91
N LEU C 137 31.02 -6.19 -23.36
CA LEU C 137 31.60 -6.84 -22.21
C LEU C 137 32.92 -7.46 -22.59
N VAL C 138 33.00 -8.21 -23.69
CA VAL C 138 34.26 -8.76 -24.16
C VAL C 138 35.34 -7.69 -24.34
N LYS C 139 34.95 -6.56 -24.94
CA LYS C 139 35.88 -5.45 -25.15
C LYS C 139 36.19 -4.68 -23.86
N TRP C 140 35.28 -4.59 -22.88
CA TRP C 140 35.57 -3.90 -21.61
C TRP C 140 36.65 -4.72 -20.87
N PHE C 141 36.60 -6.07 -20.82
CA PHE C 141 37.59 -6.92 -20.15
C PHE C 141 38.99 -6.79 -20.71
N GLU C 142 39.15 -6.58 -22.02
CA GLU C 142 40.47 -6.30 -22.58
C GLU C 142 40.99 -4.94 -22.17
N ARG C 143 40.16 -3.92 -21.92
CA ARG C 143 40.66 -2.67 -21.43
C ARG C 143 41.01 -2.76 -19.95
N PHE C 144 40.34 -3.65 -19.20
CA PHE C 144 40.55 -3.84 -17.76
C PHE C 144 40.98 -5.29 -17.44
N PRO C 145 42.20 -5.70 -17.87
CA PRO C 145 42.62 -7.10 -17.91
C PRO C 145 42.71 -7.71 -16.52
N HIS C 146 43.09 -6.94 -15.51
CA HIS C 146 43.02 -7.36 -14.09
C HIS C 146 41.64 -7.75 -13.56
N TYR C 147 40.51 -7.59 -14.27
CA TYR C 147 39.24 -8.07 -13.75
C TYR C 147 39.00 -9.39 -14.44
N ASN C 148 39.87 -9.90 -15.35
CA ASN C 148 39.62 -11.20 -16.03
C ASN C 148 39.50 -12.27 -14.95
N TYR C 149 38.49 -13.15 -15.07
CA TYR C 149 38.15 -14.24 -14.14
C TYR C 149 37.66 -13.79 -12.76
N ARG C 150 37.41 -12.51 -12.49
CA ARG C 150 36.82 -12.11 -11.24
C ARG C 150 35.39 -12.68 -11.23
N GLU C 151 34.86 -13.01 -10.06
CA GLU C 151 33.53 -13.56 -9.84
C GLU C 151 32.56 -12.46 -10.34
N PHE C 152 31.78 -12.87 -11.33
CA PHE C 152 30.96 -11.94 -12.08
C PHE C 152 29.46 -12.20 -12.00
N TYR C 153 28.69 -11.12 -11.83
CA TYR C 153 27.22 -11.19 -11.79
C TYR C 153 26.55 -10.13 -12.67
N ILE C 154 25.40 -10.46 -13.25
CA ILE C 154 24.59 -9.54 -14.02
C ILE C 154 23.31 -9.23 -13.18
N ALA C 155 23.02 -7.96 -12.92
CA ALA C 155 21.84 -7.57 -12.12
C ALA C 155 21.06 -6.43 -12.82
N GLY C 156 19.78 -6.17 -12.59
CA GLY C 156 19.17 -4.95 -13.09
C GLY C 156 17.67 -5.05 -13.31
N GLU C 157 17.08 -3.94 -13.79
CA GLU C 157 15.64 -3.82 -13.91
C GLU C 157 14.99 -4.14 -15.24
N SER C 158 15.27 -5.28 -15.86
CA SER C 158 14.57 -5.60 -17.08
C SER C 158 14.34 -7.09 -17.10
N GLY C 159 13.10 -7.50 -17.30
CA GLY C 159 12.79 -8.91 -17.41
C GLY C 159 13.35 -9.54 -18.69
N HIS C 160 13.66 -8.75 -19.72
CA HIS C 160 14.20 -9.31 -20.96
C HIS C 160 15.72 -9.21 -20.99
N PHE C 161 16.31 -8.02 -20.78
CA PHE C 161 17.72 -7.88 -20.93
C PHE C 161 18.61 -8.76 -20.04
N ILE C 162 18.27 -8.93 -18.76
CA ILE C 162 19.12 -9.67 -17.81
C ILE C 162 19.13 -11.20 -18.09
N PRO C 163 18.04 -11.97 -18.23
CA PRO C 163 18.07 -13.34 -18.71
C PRO C 163 18.64 -13.55 -20.10
N GLN C 164 18.42 -12.63 -21.03
CA GLN C 164 18.89 -12.86 -22.40
C GLN C 164 20.38 -12.63 -22.54
N LEU C 165 20.96 -11.59 -21.93
CA LEU C 165 22.39 -11.41 -21.92
C LEU C 165 23.08 -12.56 -21.17
N SER C 166 22.55 -13.00 -20.01
CA SER C 166 23.06 -14.13 -19.24
C SER C 166 23.09 -15.36 -20.13
N GLN C 167 22.07 -15.69 -20.94
CA GLN C 167 22.14 -16.81 -21.89
C GLN C 167 23.27 -16.70 -22.94
N VAL C 168 23.59 -15.50 -23.46
CA VAL C 168 24.67 -15.33 -24.44
C VAL C 168 25.99 -15.45 -23.69
N VAL C 169 26.16 -14.95 -22.47
CA VAL C 169 27.42 -15.15 -21.76
C VAL C 169 27.65 -16.64 -21.47
N TYR C 170 26.60 -17.31 -21.00
CA TYR C 170 26.68 -18.71 -20.66
C TYR C 170 27.01 -19.53 -21.91
N ARG C 171 26.26 -19.49 -23.02
CA ARG C 171 26.59 -20.25 -24.23
C ARG C 171 27.98 -19.97 -24.79
N ASN C 172 28.65 -18.87 -24.46
CA ASN C 172 29.98 -18.59 -25.01
C ASN C 172 31.07 -18.80 -24.00
N ARG C 173 30.86 -19.47 -22.87
CA ARG C 173 31.95 -19.55 -21.88
C ARG C 173 33.21 -20.21 -22.40
N ASN C 174 33.18 -21.12 -23.37
CA ASN C 174 34.47 -21.59 -23.86
C ASN C 174 35.15 -20.62 -24.81
N ASN C 175 34.44 -19.63 -25.36
CA ASN C 175 35.01 -18.61 -26.22
C ASN C 175 35.55 -17.50 -25.39
N SER C 176 34.81 -16.99 -24.40
CA SER C 176 35.35 -15.97 -23.53
C SER C 176 35.46 -16.42 -22.06
N PRO C 177 36.27 -17.42 -21.66
CA PRO C 177 36.30 -17.98 -20.31
C PRO C 177 36.64 -17.00 -19.21
N PHE C 178 37.24 -15.86 -19.57
CA PHE C 178 37.62 -14.88 -18.55
C PHE C 178 36.40 -14.15 -17.98
N ILE C 179 35.17 -14.41 -18.44
CA ILE C 179 34.01 -13.80 -17.80
C ILE C 179 33.50 -14.90 -16.87
N ASN C 180 33.91 -14.84 -15.60
CA ASN C 180 33.60 -15.86 -14.60
C ASN C 180 32.23 -15.69 -13.92
N PHE C 181 31.30 -16.03 -14.79
CA PHE C 181 29.89 -15.80 -14.58
C PHE C 181 29.26 -16.75 -13.57
N GLN C 182 28.79 -16.17 -12.46
CA GLN C 182 28.22 -16.84 -11.28
C GLN C 182 26.70 -16.78 -11.15
N GLY C 183 26.00 -15.71 -11.53
CA GLY C 183 24.55 -15.70 -11.56
C GLY C 183 23.93 -14.35 -11.86
N LEU C 184 22.61 -14.25 -11.69
CA LEU C 184 21.84 -13.07 -12.03
C LEU C 184 20.76 -12.74 -11.00
N LEU C 185 20.56 -11.43 -10.85
CA LEU C 185 19.54 -10.83 -10.00
C LEU C 185 18.60 -9.97 -10.89
N VAL C 186 17.32 -10.32 -10.98
CA VAL C 186 16.34 -9.69 -11.82
C VAL C 186 15.34 -8.90 -10.97
N SER C 187 15.19 -7.59 -11.21
CA SER C 187 14.21 -6.75 -10.52
C SER C 187 13.03 -6.43 -11.42
N SER C 188 11.85 -6.44 -10.83
CA SER C 188 10.56 -6.02 -11.39
C SER C 188 10.38 -6.21 -12.91
N GLY C 189 10.52 -7.45 -13.40
CA GLY C 189 10.55 -7.67 -14.81
C GLY C 189 9.41 -8.47 -15.39
N LEU C 190 9.19 -8.18 -16.69
CA LEU C 190 8.20 -8.92 -17.45
C LEU C 190 8.78 -10.30 -17.78
N THR C 191 8.01 -11.38 -17.62
CA THR C 191 8.57 -12.70 -17.85
C THR C 191 7.80 -13.56 -18.85
N ASN C 192 6.47 -13.50 -18.93
CA ASN C 192 5.68 -14.35 -19.83
C ASN C 192 4.43 -13.53 -20.13
N ASP C 193 4.20 -13.10 -21.38
CA ASP C 193 3.07 -12.22 -21.73
C ASP C 193 1.74 -12.69 -21.26
N HIS C 194 1.42 -13.97 -21.38
CA HIS C 194 0.14 -14.48 -20.94
C HIS C 194 -0.13 -14.44 -19.42
N GLU C 195 0.78 -14.93 -18.58
CA GLU C 195 0.61 -14.94 -17.14
C GLU C 195 0.72 -13.55 -16.60
N ASP C 196 1.72 -12.78 -17.03
CA ASP C 196 1.79 -11.41 -16.58
C ASP C 196 0.54 -10.54 -16.83
N MET C 197 -0.17 -10.78 -17.94
CA MET C 197 -1.34 -10.00 -18.36
C MET C 197 -2.52 -10.35 -17.46
N ILE C 198 -2.77 -11.64 -17.15
CA ILE C 198 -3.80 -11.97 -16.15
C ILE C 198 -3.51 -11.37 -14.77
N GLY C 199 -2.24 -11.44 -14.34
CA GLY C 199 -1.79 -10.89 -13.09
C GLY C 199 -2.02 -9.41 -12.98
N MET C 200 -1.83 -8.62 -14.05
CA MET C 200 -2.10 -7.16 -14.07
C MET C 200 -3.57 -6.79 -13.84
N PHE C 201 -4.51 -7.35 -14.60
CA PHE C 201 -5.92 -7.05 -14.39
C PHE C 201 -6.45 -7.50 -13.05
N GLU C 202 -6.00 -8.64 -12.54
CA GLU C 202 -6.40 -9.10 -11.20
C GLU C 202 -5.81 -8.30 -10.07
N SER C 203 -4.52 -7.95 -10.13
CA SER C 203 -3.94 -7.11 -9.11
C SER C 203 -4.54 -5.73 -9.07
N TRP C 204 -4.84 -5.12 -10.23
CA TRP C 204 -5.39 -3.77 -10.25
C TRP C 204 -6.77 -3.81 -9.62
N TRP C 205 -7.66 -4.79 -9.90
CA TRP C 205 -8.96 -4.90 -9.27
C TRP C 205 -8.85 -5.10 -7.72
N HIS C 206 -7.93 -5.98 -7.24
CA HIS C 206 -7.79 -6.23 -5.82
C HIS C 206 -7.10 -5.09 -5.12
N HIS C 207 -6.55 -4.10 -5.81
CA HIS C 207 -6.08 -2.89 -5.13
C HIS C 207 -7.10 -1.73 -5.31
N GLY C 208 -8.33 -2.00 -5.80
CA GLY C 208 -9.33 -0.96 -6.06
C GLY C 208 -8.97 0.10 -7.14
N LEU C 209 -8.18 -0.24 -8.17
CA LEU C 209 -7.78 0.70 -9.21
C LEU C 209 -8.71 0.67 -10.45
N ILE C 210 -9.40 -0.42 -10.80
CA ILE C 210 -10.24 -0.51 -11.98
C ILE C 210 -11.61 -1.06 -11.62
N SER C 211 -12.55 -1.07 -12.57
CA SER C 211 -13.90 -1.50 -12.34
C SER C 211 -14.07 -2.94 -12.63
N ASP C 212 -15.20 -3.50 -12.20
CA ASP C 212 -15.52 -4.88 -12.49
C ASP C 212 -15.50 -5.15 -13.98
N GLU C 213 -16.15 -4.31 -14.75
CA GLU C 213 -16.24 -4.57 -16.19
C GLU C 213 -14.95 -4.32 -16.96
N THR C 214 -14.02 -3.43 -16.54
CA THR C 214 -12.72 -3.31 -17.19
C THR C 214 -11.98 -4.62 -16.92
N ARG C 215 -12.06 -5.19 -15.70
CA ARG C 215 -11.39 -6.45 -15.36
C ARG C 215 -11.92 -7.60 -16.22
N ASP C 216 -13.22 -7.76 -16.37
CA ASP C 216 -13.72 -8.88 -17.17
C ASP C 216 -13.43 -8.76 -18.65
N SER C 217 -13.42 -7.57 -19.23
CA SER C 217 -13.08 -7.40 -20.62
C SER C 217 -11.62 -7.62 -20.82
N GLY C 218 -10.78 -7.08 -19.92
CA GLY C 218 -9.34 -7.29 -20.00
C GLY C 218 -8.95 -8.75 -20.01
N LEU C 219 -9.54 -9.52 -19.10
CA LEU C 219 -9.28 -10.93 -19.00
C LEU C 219 -9.81 -11.66 -20.22
N LYS C 220 -10.86 -11.16 -20.87
CA LYS C 220 -11.39 -11.79 -22.06
C LYS C 220 -10.57 -11.46 -23.33
N VAL C 221 -10.09 -10.20 -23.58
CA VAL C 221 -9.41 -9.84 -24.82
C VAL C 221 -7.90 -9.66 -24.81
N CYS C 222 -7.25 -9.40 -23.69
CA CYS C 222 -5.83 -9.15 -23.69
C CYS C 222 -4.82 -10.29 -23.42
N PRO C 223 -5.01 -11.38 -22.63
CA PRO C 223 -3.98 -12.41 -22.40
C PRO C 223 -3.63 -13.04 -23.75
N GLY C 224 -2.35 -13.06 -24.13
CA GLY C 224 -2.01 -13.59 -25.45
C GLY C 224 -1.33 -12.51 -26.28
N THR C 225 -1.82 -11.30 -26.15
CA THR C 225 -1.28 -10.15 -26.80
C THR C 225 0.09 -9.79 -26.21
N SER C 226 0.84 -9.09 -27.04
CA SER C 226 2.15 -8.61 -26.72
C SER C 226 2.01 -7.24 -26.07
N PHE C 227 2.87 -6.89 -25.13
CA PHE C 227 2.86 -5.56 -24.51
C PHE C 227 3.48 -4.52 -25.43
N MET C 228 4.54 -4.94 -26.17
CA MET C 228 5.17 -4.03 -27.09
C MET C 228 4.36 -3.93 -28.38
N HIS C 229 3.58 -4.91 -28.86
CA HIS C 229 2.84 -4.74 -30.10
C HIS C 229 1.40 -5.20 -29.92
N PRO C 230 0.52 -4.48 -29.21
CA PRO C 230 -0.84 -4.92 -28.86
C PRO C 230 -1.85 -4.85 -30.00
N THR C 231 -2.86 -5.70 -29.93
CA THR C 231 -3.94 -5.67 -30.87
C THR C 231 -4.79 -4.46 -30.54
N PRO C 232 -5.55 -3.91 -31.51
CA PRO C 232 -6.50 -2.84 -31.28
C PRO C 232 -7.59 -3.16 -30.25
N GLU C 233 -8.02 -4.41 -30.20
CA GLU C 233 -9.03 -4.89 -29.28
C GLU C 233 -8.56 -4.72 -27.84
N CYS C 234 -7.35 -5.19 -27.56
CA CYS C 234 -6.83 -5.05 -26.22
C CYS C 234 -6.47 -3.60 -25.93
N THR C 235 -5.92 -2.79 -26.84
CA THR C 235 -5.63 -1.38 -26.55
C THR C 235 -6.85 -0.61 -26.08
N GLU C 236 -8.03 -0.87 -26.62
CA GLU C 236 -9.24 -0.19 -26.22
C GLU C 236 -9.56 -0.41 -24.72
N VAL C 237 -9.44 -1.64 -24.20
CA VAL C 237 -9.64 -1.97 -22.78
C VAL C 237 -8.51 -1.39 -21.94
N TRP C 238 -7.28 -1.50 -22.43
CA TRP C 238 -6.12 -1.02 -21.73
C TRP C 238 -6.21 0.48 -21.49
N ASN C 239 -6.71 1.23 -22.46
CA ASN C 239 -6.81 2.69 -22.30
C ASN C 239 -7.91 3.08 -21.34
N LYS C 240 -9.01 2.30 -21.23
CA LYS C 240 -10.08 2.56 -20.23
C LYS C 240 -9.51 2.33 -18.85
N ALA C 241 -8.75 1.23 -18.64
CA ALA C 241 -8.09 0.90 -17.37
C ALA C 241 -7.13 1.97 -16.90
N LEU C 242 -6.30 2.51 -17.79
CA LEU C 242 -5.40 3.59 -17.40
C LEU C 242 -6.18 4.85 -17.10
N ALA C 243 -7.32 5.07 -17.76
CA ALA C 243 -8.16 6.19 -17.41
C ALA C 243 -8.74 6.03 -16.00
N GLU C 244 -9.34 4.88 -15.64
CA GLU C 244 -9.91 4.68 -14.29
C GLU C 244 -8.89 4.89 -13.17
N GLN C 245 -7.58 4.74 -13.44
CA GLN C 245 -6.62 4.88 -12.36
C GLN C 245 -6.31 6.29 -11.97
N GLY C 246 -6.66 7.25 -12.83
CA GLY C 246 -6.46 8.65 -12.51
C GLY C 246 -5.03 9.09 -12.45
N ASN C 247 -4.78 10.05 -11.60
CA ASN C 247 -3.45 10.65 -11.56
C ASN C 247 -2.47 10.09 -10.54
N ILE C 248 -2.52 8.78 -10.30
CA ILE C 248 -1.56 8.15 -9.39
C ILE C 248 -0.20 8.02 -10.10
N ASN C 249 0.92 7.93 -9.40
CA ASN C 249 2.16 7.49 -10.07
C ASN C 249 2.10 5.95 -10.23
N PRO C 250 1.91 5.27 -11.38
CA PRO C 250 1.63 3.83 -11.41
C PRO C 250 2.82 2.95 -10.97
N TYR C 251 4.00 3.53 -10.78
CA TYR C 251 5.21 2.86 -10.34
C TYR C 251 5.28 2.86 -8.80
N THR C 252 4.41 3.52 -8.02
CA THR C 252 4.47 3.58 -6.56
C THR C 252 3.15 4.25 -6.16
N ILE C 253 2.13 3.38 -6.02
CA ILE C 253 0.78 3.89 -5.98
C ILE C 253 0.36 4.62 -4.74
N TYR C 254 1.12 4.67 -3.65
CA TYR C 254 0.62 5.39 -2.50
C TYR C 254 1.37 6.67 -2.28
N THR C 255 2.45 6.99 -3.00
CA THR C 255 3.19 8.24 -2.79
C THR C 255 2.64 9.47 -3.53
N PRO C 256 3.04 10.69 -3.15
CA PRO C 256 2.73 11.89 -3.90
C PRO C 256 3.49 12.07 -5.22
N THR C 257 2.68 12.54 -6.19
CA THR C 257 3.00 12.92 -7.56
C THR C 257 3.82 14.23 -7.62
N CYS C 258 4.70 14.31 -8.65
CA CYS C 258 5.48 15.49 -8.94
C CYS C 258 4.66 16.52 -9.74
N ASP C 259 4.51 17.59 -9.00
CA ASP C 259 3.90 18.82 -9.45
C ASP C 259 4.46 19.36 -10.77
N ARG C 260 5.77 19.38 -11.01
CA ARG C 260 6.40 19.90 -12.22
C ARG C 260 6.03 19.05 -13.42
N GLU C 261 4.85 19.28 -13.95
CA GLU C 261 4.27 18.42 -14.97
C GLU C 261 4.78 18.33 -16.43
N PRO C 262 5.73 19.10 -17.01
CA PRO C 262 6.50 18.65 -18.19
C PRO C 262 7.37 17.41 -17.87
N SER C 263 6.71 16.26 -17.67
CA SER C 263 7.38 15.06 -17.26
C SER C 263 8.43 14.60 -18.25
N PRO C 264 9.60 14.15 -17.75
CA PRO C 264 10.60 13.42 -18.52
C PRO C 264 10.14 12.06 -19.04
N TYR C 265 9.05 11.46 -18.57
CA TYR C 265 8.74 10.12 -19.00
C TYR C 265 7.45 10.21 -19.77
N GLN C 266 7.61 10.00 -21.08
CA GLN C 266 6.51 10.16 -22.01
C GLN C 266 5.97 8.85 -22.53
N ARG C 267 6.59 7.73 -22.19
CA ARG C 267 6.06 6.42 -22.57
C ARG C 267 5.81 5.59 -21.30
N ARG C 268 4.99 4.54 -21.34
CA ARG C 268 4.87 3.59 -20.23
C ARG C 268 6.02 2.55 -20.31
N PHE C 269 7.19 2.98 -19.83
CA PHE C 269 8.38 2.17 -19.80
C PHE C 269 8.14 0.97 -18.87
N TRP C 270 8.42 -0.21 -19.40
CA TRP C 270 8.22 -1.45 -18.69
C TRP C 270 9.35 -1.66 -17.67
N LEU D 1 20.18 9.67 4.34
CA LEU D 1 19.77 9.84 2.95
C LEU D 1 18.61 10.83 3.11
N PRO D 2 18.48 11.90 2.32
CA PRO D 2 17.29 12.75 2.28
C PRO D 2 15.99 12.00 2.02
N PRO D 3 14.82 12.47 2.44
CA PRO D 3 13.55 11.78 2.18
C PRO D 3 13.24 11.83 0.70
N TYR D 4 12.35 10.89 0.37
CA TYR D 4 11.77 10.71 -0.95
C TYR D 4 11.33 12.04 -1.56
N ASP D 5 11.74 12.27 -2.80
CA ASP D 5 11.33 13.46 -3.52
C ASP D 5 10.73 12.95 -4.81
N PRO D 6 9.43 13.10 -5.17
CA PRO D 6 8.89 12.63 -6.45
C PRO D 6 9.44 13.32 -7.71
N CYS D 7 10.11 14.48 -7.53
CA CYS D 7 10.64 15.29 -8.59
C CYS D 7 12.15 15.16 -8.76
N ALA D 8 12.78 14.15 -8.15
CA ALA D 8 14.24 14.07 -8.20
C ALA D 8 14.76 13.78 -9.60
N VAL D 9 14.01 13.20 -10.58
CA VAL D 9 14.50 13.08 -11.97
C VAL D 9 15.15 14.37 -12.47
N PHE D 10 14.51 15.53 -12.22
CA PHE D 10 14.96 16.83 -12.76
C PHE D 10 16.35 17.21 -12.26
N ASN D 11 16.78 16.80 -11.07
CA ASN D 11 18.12 17.18 -10.64
C ASN D 11 19.18 16.47 -11.47
N SER D 12 18.91 15.23 -11.94
CA SER D 12 19.88 14.49 -12.73
C SER D 12 19.96 15.02 -14.16
N ILE D 13 18.79 15.38 -14.75
CA ILE D 13 18.72 15.97 -16.08
C ILE D 13 19.61 17.23 -16.13
N ASN D 14 19.52 18.05 -15.10
CA ASN D 14 20.32 19.25 -15.06
C ASN D 14 21.79 18.97 -14.87
N TYR D 15 22.18 18.10 -13.94
CA TYR D 15 23.60 17.92 -13.62
C TYR D 15 24.33 17.26 -14.76
N LEU D 16 23.72 16.30 -15.45
CA LEU D 16 24.35 15.55 -16.52
C LEU D 16 24.46 16.37 -17.83
N ASN D 17 23.77 17.51 -18.02
CA ASN D 17 23.93 18.38 -19.19
C ASN D 17 24.84 19.56 -18.88
N LEU D 18 25.49 19.64 -17.72
CA LEU D 18 26.41 20.70 -17.40
C LEU D 18 27.69 20.34 -18.16
N PRO D 19 28.35 21.24 -18.89
CA PRO D 19 29.53 20.90 -19.71
C PRO D 19 30.75 20.43 -18.90
N GLU D 20 30.98 21.02 -17.74
CA GLU D 20 32.10 20.65 -16.88
C GLU D 20 31.96 19.21 -16.37
N VAL D 21 30.71 18.74 -16.21
CA VAL D 21 30.44 17.40 -15.73
C VAL D 21 30.71 16.45 -16.88
N GLN D 22 30.27 16.78 -18.09
CA GLN D 22 30.51 15.89 -19.24
C GLN D 22 32.02 15.74 -19.54
N THR D 23 32.78 16.82 -19.36
CA THR D 23 34.23 16.76 -19.41
C THR D 23 34.86 15.79 -18.40
N ALA D 24 34.56 15.96 -17.08
CA ALA D 24 35.11 15.11 -16.04
C ALA D 24 34.75 13.64 -16.27
N LEU D 25 33.57 13.40 -16.83
CA LEU D 25 33.08 12.07 -17.12
C LEU D 25 33.64 11.51 -18.40
N HIS D 26 34.24 12.34 -19.29
CA HIS D 26 34.73 11.92 -20.60
C HIS D 26 33.54 11.40 -21.46
N ALA D 27 32.41 12.10 -21.34
CA ALA D 27 31.16 11.77 -22.04
C ALA D 27 31.01 12.79 -23.15
N ASN D 28 30.43 12.43 -24.32
CA ASN D 28 30.14 13.40 -25.38
C ASN D 28 31.31 14.31 -25.76
N VAL D 29 32.42 13.62 -26.01
CA VAL D 29 33.69 14.19 -26.49
C VAL D 29 33.49 15.06 -27.74
N SER D 30 33.93 16.33 -27.73
CA SER D 30 33.77 17.20 -28.89
C SER D 30 32.30 17.45 -29.29
N GLY D 31 31.28 17.37 -28.43
CA GLY D 31 29.91 17.62 -28.86
C GLY D 31 29.43 16.64 -29.92
N ILE D 32 30.01 15.44 -29.94
CA ILE D 32 29.61 14.39 -30.85
C ILE D 32 28.12 14.01 -30.84
N VAL D 33 27.26 14.09 -29.81
CA VAL D 33 25.85 13.73 -29.98
C VAL D 33 24.97 15.00 -29.90
N GLU D 34 24.22 15.14 -31.00
CA GLU D 34 23.33 16.26 -31.30
C GLU D 34 22.35 16.55 -30.20
N TYR D 35 21.56 15.58 -29.80
CA TYR D 35 20.52 15.79 -28.80
C TYR D 35 21.10 15.87 -27.38
N PRO D 36 20.45 16.55 -26.43
CA PRO D 36 20.88 16.55 -25.04
C PRO D 36 20.69 15.21 -24.28
N TRP D 37 21.32 15.16 -23.09
CA TRP D 37 21.22 14.00 -22.24
C TRP D 37 19.80 13.96 -21.67
N THR D 38 19.11 12.83 -21.80
CA THR D 38 17.88 12.61 -21.06
C THR D 38 17.83 11.17 -20.50
N VAL D 39 16.94 10.91 -19.54
CA VAL D 39 16.84 9.63 -18.82
C VAL D 39 16.41 8.50 -19.71
N CYS D 40 15.45 8.73 -20.60
CA CYS D 40 14.94 7.66 -21.42
C CYS D 40 14.73 8.11 -22.88
N SER D 41 14.87 7.27 -23.91
CA SER D 41 14.73 7.68 -25.29
C SER D 41 13.47 7.12 -25.88
N ASN D 42 12.65 8.05 -26.34
CA ASN D 42 11.42 7.70 -27.02
C ASN D 42 11.70 7.12 -28.38
N THR D 43 12.81 7.45 -29.07
CA THR D 43 13.02 6.90 -30.39
C THR D 43 13.38 5.41 -30.28
N ILE D 44 14.25 5.01 -29.30
CA ILE D 44 14.53 3.58 -29.05
C ILE D 44 13.24 2.81 -28.67
N PHE D 45 12.36 3.38 -27.82
CA PHE D 45 11.16 2.69 -27.40
C PHE D 45 10.24 2.54 -28.61
N ASP D 46 10.07 3.61 -29.40
CA ASP D 46 9.14 3.59 -30.54
C ASP D 46 9.62 2.81 -31.73
N GLN D 47 10.92 2.70 -31.96
CA GLN D 47 11.42 1.91 -33.09
C GLN D 47 11.77 0.46 -32.78
N TRP D 48 11.31 -0.06 -31.60
CA TRP D 48 11.68 -1.39 -31.12
C TRP D 48 10.91 -2.42 -31.89
N GLY D 49 11.69 -3.39 -32.32
CA GLY D 49 11.21 -4.45 -33.18
C GLY D 49 10.85 -5.75 -32.49
N GLN D 50 11.71 -6.75 -32.66
CA GLN D 50 11.58 -8.06 -32.04
C GLN D 50 11.65 -8.06 -30.48
N ALA D 51 10.59 -8.55 -29.80
CA ALA D 51 10.40 -8.61 -28.33
C ALA D 51 9.79 -9.97 -28.02
N ALA D 52 10.53 -10.83 -27.30
CA ALA D 52 10.11 -12.16 -26.94
C ALA D 52 8.82 -12.19 -26.11
N ASP D 53 8.02 -13.23 -26.25
CA ASP D 53 6.80 -13.32 -25.47
C ASP D 53 6.87 -14.24 -24.25
N ASP D 54 7.93 -15.04 -24.13
CA ASP D 54 8.05 -16.02 -23.09
C ASP D 54 9.50 -16.23 -22.70
N LEU D 55 9.90 -15.83 -21.49
CA LEU D 55 11.27 -16.04 -21.04
C LEU D 55 11.52 -17.34 -20.24
N LEU D 56 10.49 -18.14 -19.93
CA LEU D 56 10.64 -19.30 -19.06
C LEU D 56 11.61 -20.34 -19.60
N PRO D 57 11.70 -20.67 -20.89
CA PRO D 57 12.74 -21.57 -21.39
C PRO D 57 14.16 -21.11 -21.12
N VAL D 58 14.39 -19.79 -21.02
CA VAL D 58 15.70 -19.24 -20.74
C VAL D 58 16.04 -19.50 -19.27
N TYR D 59 15.11 -19.15 -18.35
CA TYR D 59 15.19 -19.53 -16.93
C TYR D 59 15.48 -21.03 -16.77
N ARG D 60 14.76 -21.97 -17.41
CA ARG D 60 15.08 -23.38 -17.31
C ARG D 60 16.48 -23.69 -17.77
N GLU D 61 17.02 -23.07 -18.84
CA GLU D 61 18.38 -23.39 -19.21
C GLU D 61 19.39 -22.82 -18.19
N LEU D 62 19.16 -21.67 -17.59
CA LEU D 62 20.14 -21.15 -16.64
C LEU D 62 20.16 -21.93 -15.30
N ILE D 63 18.98 -22.35 -14.82
CA ILE D 63 18.85 -23.10 -13.57
C ILE D 63 19.54 -24.46 -13.75
N GLN D 64 19.25 -25.13 -14.89
CA GLN D 64 19.86 -26.43 -15.17
C GLN D 64 21.37 -26.35 -15.24
N ALA D 65 21.94 -25.21 -15.61
CA ALA D 65 23.38 -25.10 -15.65
C ALA D 65 23.94 -24.80 -14.27
N GLY D 66 23.08 -24.63 -13.27
CA GLY D 66 23.49 -24.36 -11.91
C GLY D 66 23.86 -22.93 -11.61
N LEU D 67 23.35 -21.93 -12.33
CA LEU D 67 23.71 -20.54 -12.02
C LEU D 67 22.85 -20.05 -10.87
N ARG D 68 23.32 -19.12 -10.05
CA ARG D 68 22.45 -18.56 -9.01
C ARG D 68 21.42 -17.64 -9.70
N VAL D 69 20.12 -17.79 -9.40
CA VAL D 69 19.02 -17.03 -9.98
C VAL D 69 18.09 -16.52 -8.87
N TRP D 70 18.15 -15.20 -8.63
CA TRP D 70 17.23 -14.55 -7.71
C TRP D 70 16.38 -13.50 -8.48
N VAL D 71 15.10 -13.31 -8.10
CA VAL D 71 14.13 -12.40 -8.72
C VAL D 71 13.48 -11.63 -7.55
N TYR D 72 13.24 -10.31 -7.61
CA TYR D 72 12.54 -9.60 -6.56
C TYR D 72 11.59 -8.50 -7.10
N SER D 73 10.55 -8.12 -6.35
CA SER D 73 9.58 -7.13 -6.72
C SER D 73 9.38 -6.13 -5.58
N GLY D 74 8.92 -4.91 -5.87
CA GLY D 74 8.52 -3.95 -4.87
C GLY D 74 7.02 -4.14 -4.79
N ASP D 75 6.34 -4.21 -3.64
CA ASP D 75 4.90 -4.55 -3.67
C ASP D 75 3.86 -3.41 -3.80
N THR D 76 4.33 -2.13 -3.94
CA THR D 76 3.37 -1.07 -4.25
C THR D 76 3.49 -0.65 -5.74
N ASP D 77 4.22 -1.38 -6.60
CA ASP D 77 4.29 -1.13 -8.02
C ASP D 77 3.02 -1.60 -8.76
N SER D 78 2.32 -0.87 -9.67
CA SER D 78 1.24 -1.44 -10.47
C SER D 78 1.66 -1.72 -11.91
N VAL D 79 2.88 -1.35 -12.37
CA VAL D 79 3.37 -1.65 -13.74
C VAL D 79 3.79 -3.11 -13.89
N VAL D 80 4.68 -3.73 -13.09
CA VAL D 80 4.77 -5.20 -13.14
C VAL D 80 4.45 -5.62 -11.68
N PRO D 81 3.18 -5.85 -11.36
CA PRO D 81 2.77 -6.15 -10.00
C PRO D 81 3.30 -7.54 -9.51
N VAL D 82 3.44 -7.72 -8.16
CA VAL D 82 3.75 -9.01 -7.51
C VAL D 82 2.86 -10.14 -8.04
N SER D 83 1.56 -9.95 -8.31
CA SER D 83 0.73 -11.00 -8.87
C SER D 83 1.16 -11.58 -10.21
N SER D 84 1.77 -10.74 -11.04
CA SER D 84 2.21 -11.14 -12.37
C SER D 84 3.44 -12.02 -12.24
N THR D 85 4.50 -11.58 -11.52
CA THR D 85 5.68 -12.41 -11.36
C THR D 85 5.39 -13.71 -10.60
N ARG D 86 4.59 -13.70 -9.50
CA ARG D 86 4.14 -14.91 -8.79
C ARG D 86 3.57 -15.97 -9.72
N ARG D 87 2.61 -15.60 -10.57
CA ARG D 87 2.07 -16.50 -11.56
C ARG D 87 3.05 -16.91 -12.62
N SER D 88 3.94 -16.08 -13.17
CA SER D 88 4.86 -16.59 -14.21
C SER D 88 5.91 -17.58 -13.64
N LEU D 89 6.41 -17.33 -12.41
CA LEU D 89 7.45 -18.14 -11.79
C LEU D 89 6.88 -19.50 -11.35
N ALA D 90 5.62 -19.47 -10.92
CA ALA D 90 4.92 -20.68 -10.53
C ALA D 90 4.78 -21.60 -11.72
N ALA D 91 4.72 -21.07 -12.95
CA ALA D 91 4.57 -21.92 -14.11
C ALA D 91 5.85 -22.69 -14.44
N LEU D 92 6.98 -22.37 -13.78
CA LEU D 92 8.17 -23.19 -13.92
C LEU D 92 7.94 -24.55 -13.22
N GLU D 93 7.04 -24.65 -12.22
CA GLU D 93 6.72 -25.87 -11.46
C GLU D 93 7.92 -26.50 -10.78
N LEU D 94 8.76 -25.68 -10.15
CA LEU D 94 9.90 -26.16 -9.41
C LEU D 94 9.38 -26.59 -8.03
N PRO D 95 9.98 -27.65 -7.44
CA PRO D 95 9.79 -28.00 -6.06
C PRO D 95 10.19 -26.88 -5.13
N VAL D 96 9.45 -26.79 -4.04
CA VAL D 96 9.65 -25.76 -3.03
C VAL D 96 10.66 -26.32 -2.03
N LYS D 97 11.64 -25.55 -1.67
CA LYS D 97 12.58 -25.94 -0.66
C LYS D 97 12.27 -25.15 0.62
N THR D 98 11.74 -23.91 0.65
CA THR D 98 11.42 -23.20 1.90
C THR D 98 10.11 -22.50 1.59
N SER D 99 9.01 -22.75 2.31
CA SER D 99 7.71 -22.22 1.92
C SER D 99 7.66 -20.74 2.25
N TRP D 100 6.70 -20.03 1.64
CA TRP D 100 6.49 -18.60 1.78
C TRP D 100 6.68 -18.16 3.23
N TYR D 101 7.49 -17.17 3.57
CA TYR D 101 7.67 -16.78 4.96
C TYR D 101 8.02 -15.29 5.03
N PRO D 102 7.72 -14.55 6.08
CA PRO D 102 8.18 -13.18 6.26
C PRO D 102 9.65 -13.08 6.65
N TRP D 103 10.43 -12.12 6.13
CA TRP D 103 11.82 -12.03 6.46
C TRP D 103 12.01 -10.75 7.22
N TYR D 104 13.07 -10.60 8.02
CA TYR D 104 13.27 -9.43 8.85
C TYR D 104 14.67 -8.93 8.57
N MET D 105 15.07 -7.75 9.02
CA MET D 105 16.43 -7.27 8.78
C MET D 105 17.49 -8.12 9.50
N ALA D 106 17.13 -8.60 10.70
CA ALA D 106 17.90 -9.53 11.53
C ALA D 106 16.87 -10.52 12.11
N PRO D 107 17.12 -11.79 12.50
CA PRO D 107 16.14 -12.70 13.14
C PRO D 107 15.51 -12.16 14.45
N THR D 108 16.26 -11.30 15.15
CA THR D 108 15.80 -10.58 16.33
C THR D 108 15.02 -9.29 16.02
N GLU D 109 14.81 -8.90 14.75
CA GLU D 109 14.13 -7.64 14.46
C GLU D 109 12.67 -7.89 14.23
N ARG D 110 12.02 -6.80 14.54
CA ARG D 110 10.58 -6.69 14.62
C ARG D 110 9.75 -6.39 13.37
N GLU D 111 10.22 -5.54 12.47
CA GLU D 111 9.42 -5.10 11.36
C GLU D 111 9.58 -5.98 10.17
N VAL D 112 8.50 -6.39 9.54
CA VAL D 112 8.61 -7.21 8.33
C VAL D 112 9.28 -6.43 7.19
N GLY D 113 10.35 -6.96 6.62
CA GLY D 113 11.03 -6.36 5.48
C GLY D 113 10.35 -6.79 4.15
N GLY D 114 9.67 -7.96 4.05
CA GLY D 114 8.93 -8.44 2.89
C GLY D 114 8.65 -9.91 3.09
N TRP D 115 8.35 -10.71 2.07
CA TRP D 115 8.14 -12.16 2.14
C TRP D 115 9.12 -12.87 1.17
N SER D 116 9.28 -14.21 1.13
CA SER D 116 10.17 -14.90 0.22
C SER D 116 9.76 -16.37 0.11
N VAL D 117 9.97 -17.07 -1.03
CA VAL D 117 9.74 -18.50 -1.27
C VAL D 117 11.13 -18.92 -1.82
N GLN D 118 11.68 -20.13 -1.52
CA GLN D 118 12.87 -20.67 -2.18
C GLN D 118 12.42 -21.91 -2.89
N TYR D 119 12.59 -22.03 -4.20
CA TYR D 119 12.24 -23.22 -4.93
C TYR D 119 13.57 -23.94 -5.06
N GLU D 120 13.60 -25.13 -5.63
CA GLU D 120 14.88 -25.76 -5.92
C GLU D 120 15.41 -25.02 -7.16
N GLY D 121 16.40 -24.16 -6.96
CA GLY D 121 17.04 -23.52 -8.09
C GLY D 121 16.76 -22.03 -8.24
N LEU D 122 15.81 -21.42 -7.56
CA LEU D 122 15.46 -20.01 -7.76
C LEU D 122 14.90 -19.45 -6.48
N THR D 123 15.35 -18.30 -6.04
CA THR D 123 14.78 -17.64 -4.88
C THR D 123 13.90 -16.44 -5.34
N TYR D 124 12.66 -16.22 -4.81
CA TYR D 124 11.85 -15.05 -5.09
C TYR D 124 11.67 -14.20 -3.81
N VAL D 125 11.82 -12.86 -3.84
CA VAL D 125 11.76 -11.97 -2.69
C VAL D 125 10.82 -10.78 -2.98
N THR D 126 9.90 -10.33 -2.11
CA THR D 126 9.16 -9.09 -2.30
C THR D 126 9.68 -8.13 -1.19
N VAL D 127 9.68 -6.81 -1.43
CA VAL D 127 10.16 -5.78 -0.51
C VAL D 127 8.88 -4.99 -0.21
N ARG D 128 8.51 -4.99 1.07
CA ARG D 128 7.29 -4.37 1.57
C ARG D 128 7.42 -2.85 1.57
N GLY D 129 6.39 -2.21 1.01
CA GLY D 129 6.32 -0.77 0.94
C GLY D 129 7.20 -0.18 -0.11
N ALA D 130 7.71 -0.92 -1.14
CA ALA D 130 8.59 -0.35 -2.16
C ALA D 130 7.91 -0.45 -3.53
N GLY D 131 8.09 0.60 -4.35
CA GLY D 131 7.58 0.62 -5.72
C GLY D 131 8.54 -0.05 -6.72
N HIS D 132 8.31 0.11 -8.02
CA HIS D 132 9.14 -0.46 -9.11
C HIS D 132 10.62 -0.23 -8.92
N LEU D 133 11.05 0.97 -8.57
CA LEU D 133 12.45 1.29 -8.36
C LEU D 133 12.75 1.10 -6.85
N VAL D 134 13.04 -0.18 -6.52
CA VAL D 134 13.11 -0.58 -5.12
C VAL D 134 14.11 0.24 -4.32
N PRO D 135 15.38 0.52 -4.69
CA PRO D 135 16.28 1.29 -3.84
C PRO D 135 15.85 2.74 -3.66
N VAL D 136 14.89 3.33 -4.42
CA VAL D 136 14.62 4.73 -4.07
C VAL D 136 13.67 4.70 -2.87
N HIS D 137 12.89 3.64 -2.64
CA HIS D 137 11.92 3.70 -1.54
C HIS D 137 12.33 3.03 -0.23
N ARG D 138 13.12 1.93 -0.35
CA ARG D 138 13.52 1.10 0.75
C ARG D 138 15.01 0.80 0.55
N PRO D 139 15.94 1.75 0.70
CA PRO D 139 17.35 1.55 0.44
C PRO D 139 18.08 0.51 1.29
N ALA D 140 17.76 0.44 2.60
CA ALA D 140 18.43 -0.43 3.57
C ALA D 140 18.11 -1.89 3.31
N GLN D 141 16.84 -2.10 2.99
CA GLN D 141 16.35 -3.41 2.68
C GLN D 141 16.90 -3.87 1.35
N ALA D 142 17.06 -2.96 0.37
CA ALA D 142 17.62 -3.38 -0.93
C ALA D 142 19.12 -3.71 -0.83
N PHE D 143 19.90 -3.00 0.00
CA PHE D 143 21.29 -3.33 0.25
C PHE D 143 21.47 -4.71 0.89
N LEU D 144 20.64 -5.03 1.91
CA LEU D 144 20.64 -6.34 2.58
C LEU D 144 20.33 -7.45 1.58
N LEU D 145 19.29 -7.31 0.75
CA LEU D 145 18.95 -8.28 -0.29
C LEU D 145 20.15 -8.50 -1.22
N PHE D 146 20.89 -7.43 -1.53
CA PHE D 146 22.02 -7.54 -2.43
C PHE D 146 23.12 -8.40 -1.79
N LYS D 147 23.41 -8.11 -0.51
CA LYS D 147 24.41 -8.85 0.24
C LYS D 147 24.08 -10.31 0.42
N GLN D 148 22.81 -10.66 0.64
CA GLN D 148 22.41 -12.03 0.79
C GLN D 148 22.56 -12.74 -0.52
N PHE D 149 22.16 -12.12 -1.64
CA PHE D 149 22.32 -12.69 -2.99
C PHE D 149 23.77 -13.07 -3.27
N LEU D 150 24.72 -12.17 -2.98
CA LEU D 150 26.13 -12.45 -3.24
C LEU D 150 26.65 -13.65 -2.44
N LYS D 151 26.18 -13.83 -1.18
CA LYS D 151 26.51 -14.94 -0.31
C LYS D 151 25.71 -16.17 -0.67
N GLY D 152 24.56 -16.06 -1.32
CA GLY D 152 23.76 -17.21 -1.66
C GLY D 152 23.03 -17.75 -0.45
N GLU D 153 22.70 -16.86 0.47
CA GLU D 153 22.10 -17.16 1.76
C GLU D 153 20.66 -16.61 1.80
N PRO D 154 19.63 -17.33 2.29
CA PRO D 154 18.27 -16.83 2.34
C PRO D 154 18.12 -15.60 3.22
N MET D 155 17.01 -14.91 2.95
CA MET D 155 16.70 -13.71 3.70
C MET D 155 16.35 -14.11 5.14
N PRO D 156 16.76 -13.37 6.16
CA PRO D 156 16.64 -13.76 7.55
C PRO D 156 15.26 -14.11 8.07
N ALA D 157 15.01 -15.34 8.49
CA ALA D 157 13.77 -15.62 9.22
C ALA D 157 13.89 -15.29 10.72
N GLU D 158 12.73 -15.36 11.36
CA GLU D 158 12.58 -15.04 12.77
C GLU D 158 13.07 -16.21 13.63
#